data_3BVT
#
_entry.id   3BVT
#
_cell.length_a   69.040
_cell.length_b   109.847
_cell.length_c   138.627
_cell.angle_alpha   90.000
_cell.angle_beta   90.000
_cell.angle_gamma   90.000
#
_symmetry.space_group_name_H-M   'P 21 21 21'
#
loop_
_entity.id
_entity.type
_entity.pdbx_description
1 polymer 'Alpha-mannosidase 2'
2 branched 'alpha-D-mannopyranose-(1-3)-methyl 3-thio-alpha-D-mannopyranoside'
3 non-polymer 2-acetamido-2-deoxy-beta-D-glucopyranose
4 non-polymer 'PHOSPHATE ION'
5 non-polymer 'ZINC ION'
6 non-polymer (4R)-2-METHYLPENTANE-2,4-DIOL
7 non-polymer (4S)-2-METHYL-2,4-PENTANEDIOL
8 water water
#
_entity_poly.entity_id   1
_entity_poly.type   'polypeptide(L)'
_entity_poly.pdbx_seq_one_letter_code
;RSSHHHHHHGEFDDPIRPPLKVARSPRPGQCQDVVQDVPNVDVQMLELYDRMSFKDIDGGVWKQGWNIKYDPLKYNAHHK
LKVFVVPHSHNDPGWIQTFEEYYQHDTKHILSNALRHLHDNPEMKFIWAEISYFARFYHDLGENKKLQMKSIVKNGQLEF
VTGGWVMPDEANSHWRNVLLQLTEGQTWLKQFMNVTPTASWAIAPFGHSPTMPYILQKSGFKNMLIQRTHYSVKKELAQQ
RQLEFLWRQIWDNKGDTALFTHMMPFYSYDIPHTCGPDPKVCCQFDFKRMGSFGLSCPWKVPPRTISDQNVAARSDLLVD
QWKKKAELYRTNVLLIPLGDDFRFKQNTEWDVQRVNYERLFEHINSQAHFNVQAQFGTLQEYFDAVHQAERAGQAEFPTL
SGDFFTYADRSDNYWSGYYTSRPYHKRMDRVLMHYVRAAEMLSAWHSWDGMARIEERLEQARRELSLFQHHDGITGTAKT
HVVVDYEQRMQEALKACQMVMQQSVYRLLTKPSIYSPDFSFSYFTLDDSRWPGSGVEDSRTTIILGEDILPSKHVVMHNT
LPHWREQLVDFYVSSPFVSVTDLANNPVEAQVSPVWSWHHDTLTKTIHPQGSTTKYRIIFKARVPPMGLATYVLTISDSK
PEHTSYASNLLLRKNPTSLPLGQYPEDVKFGDPREISLRVGNGPTLAFSEQGLLKSIQLTQDSPHVPVHFKFLKYGVRSH
GDRSGAYLFLPNGPASPVELGQPVVLVTKGKLESSVSVGLPSVVHQTIMRGGAPEIRNLVDIGSLDNTEIVMRLETHIDS
GDIFYTDLNGLQFIKRRRLDKLPLQANYYPIPSGMFIEDANTRLTLLTGQPLGGSSLASGELEIMQDRRLASDDERGLGQ
GVLDNKPVLHIYRLVLEKVNNCVRPSKLHPAGYLTSAAHKASQSLLDPLDKFIFAENEWIGAQGQFGGDHPSAREDLDVS
VMRRLTKSSAKTQRVGYVLHRTNLMQCGTPEEHTQKLDVCHLLPNVARCERTTLTFLQNLEHLDGMVAPEVCPMETAAYV
SSHSS
;
_entity_poly.pdbx_strand_id   A
#
loop_
_chem_comp.id
_chem_comp.type
_chem_comp.name
_chem_comp.formula
MAN D-saccharide, alpha linking alpha-D-mannopyranose 'C6 H12 O6'
MPD non-polymer (4S)-2-METHYL-2,4-PENTANEDIOL 'C6 H14 O2'
MRD non-polymer (4R)-2-METHYLPENTANE-2,4-DIOL 'C6 H14 O2'
NAG D-saccharide, beta linking 2-acetamido-2-deoxy-beta-D-glucopyranose 'C8 H15 N O6'
PO4 non-polymer 'PHOSPHATE ION' 'O4 P -3'
Z4R D-saccharide 'methyl 3-thio-alpha-D-mannopyranoside' 'C7 H14 O5 S'
ZN non-polymer 'ZINC ION' 'Zn 2'
#
# COMPACT_ATOMS: atom_id res chain seq x y z
N GLN A 30 -8.08 1.66 29.70
CA GLN A 30 -6.64 1.54 30.08
C GLN A 30 -5.78 1.03 28.93
N CYS A 31 -5.11 1.97 28.27
CA CYS A 31 -4.37 1.68 27.07
C CYS A 31 -2.99 1.13 27.38
N GLN A 32 -2.55 0.15 26.59
CA GLN A 32 -1.15 -0.30 26.61
C GLN A 32 -0.25 0.86 26.22
N ASP A 33 0.90 0.92 26.87
CA ASP A 33 1.92 1.93 26.56
C ASP A 33 2.77 1.39 25.42
N VAL A 34 2.78 2.07 24.28
CA VAL A 34 3.44 1.55 23.06
C VAL A 34 4.85 2.07 22.89
N VAL A 35 5.32 2.84 23.88
CA VAL A 35 6.64 3.46 23.82
C VAL A 35 7.68 2.92 24.81
N GLN A 36 7.23 2.73 26.06
CA GLN A 36 8.17 2.59 27.19
C GLN A 36 8.42 1.16 27.64
N ASP A 37 7.64 0.21 27.16
CA ASP A 37 7.77 -1.18 27.57
C ASP A 37 8.24 -2.03 26.38
N VAL A 38 9.47 -2.53 26.42
CA VAL A 38 9.98 -3.36 25.31
C VAL A 38 9.38 -4.77 25.42
N PRO A 39 8.61 -5.22 24.42
CA PRO A 39 8.01 -6.56 24.52
C PRO A 39 9.07 -7.63 24.62
N ASN A 40 8.76 -8.63 25.45
CA ASN A 40 9.60 -9.81 25.54
C ASN A 40 9.04 -10.90 24.62
N VAL A 41 9.77 -11.15 23.53
CA VAL A 41 9.33 -12.16 22.54
C VAL A 41 10.45 -13.17 22.33
N ASP A 42 10.10 -14.38 21.93
CA ASP A 42 11.12 -15.38 21.65
C ASP A 42 11.98 -15.04 20.44
N VAL A 43 11.38 -14.48 19.41
CA VAL A 43 12.09 -14.14 18.18
C VAL A 43 11.74 -12.68 17.88
N GLN A 44 12.74 -11.82 17.82
CA GLN A 44 12.52 -10.44 17.41
C GLN A 44 13.37 -10.24 16.19
N MET A 45 12.74 -9.94 15.05
CA MET A 45 13.44 -10.09 13.79
C MET A 45 14.68 -9.19 13.63
N LEU A 46 14.63 -7.99 14.20
CA LEU A 46 15.82 -7.10 14.11
C LEU A 46 17.00 -7.74 14.89
N GLU A 47 16.69 -8.31 16.04
CA GLU A 47 17.72 -8.95 16.88
C GLU A 47 18.22 -10.17 16.14
N LEU A 48 17.32 -10.94 15.54
CA LEU A 48 17.72 -12.10 14.78
C LEU A 48 18.66 -11.74 13.64
N TYR A 49 18.30 -10.70 12.87
CA TYR A 49 19.14 -10.18 11.80
C TYR A 49 20.55 -9.79 12.29
N ASP A 50 20.64 -9.20 13.46
CA ASP A 50 21.94 -8.74 13.97
C ASP A 50 22.85 -9.96 14.25
N ARG A 51 22.26 -11.07 14.70
CA ARG A 51 22.97 -12.31 15.07
C ARG A 51 23.28 -13.24 13.91
N MET A 52 22.40 -13.33 12.91
CA MET A 52 22.56 -14.29 11.83
CA MET A 52 22.54 -14.28 11.81
C MET A 52 23.74 -14.02 10.91
N SER A 53 24.34 -15.09 10.38
CA SER A 53 25.49 -14.98 9.48
CA SER A 53 25.50 -14.93 9.48
C SER A 53 25.13 -14.87 7.99
N PHE A 54 23.94 -15.32 7.63
CA PHE A 54 23.45 -15.27 6.25
C PHE A 54 24.35 -15.99 5.24
N LYS A 55 25.06 -17.03 5.69
CA LYS A 55 25.89 -17.77 4.71
C LYS A 55 25.06 -18.58 3.75
N ASP A 56 25.43 -18.55 2.49
CA ASP A 56 24.69 -19.21 1.44
C ASP A 56 25.42 -20.49 1.04
N ILE A 57 25.28 -21.52 1.85
CA ILE A 57 26.01 -22.76 1.58
C ILE A 57 25.09 -23.82 0.98
N ASP A 58 25.67 -24.68 0.16
CA ASP A 58 24.96 -25.80 -0.45
C ASP A 58 24.59 -26.81 0.65
N GLY A 59 23.32 -26.87 1.01
CA GLY A 59 22.89 -27.78 2.04
C GLY A 59 22.56 -29.19 1.55
N GLY A 60 22.80 -29.48 0.27
CA GLY A 60 22.44 -30.77 -0.29
C GLY A 60 21.15 -30.71 -1.12
N VAL A 61 20.35 -31.78 -1.08
CA VAL A 61 19.09 -31.78 -1.84
C VAL A 61 18.20 -30.60 -1.42
N TRP A 62 18.17 -30.29 -0.13
CA TRP A 62 17.56 -29.06 0.35
C TRP A 62 18.65 -28.03 0.24
N LYS A 63 18.67 -27.31 -0.90
CA LYS A 63 19.87 -26.51 -1.24
C LYS A 63 20.17 -25.43 -0.23
N GLN A 64 19.14 -24.88 0.40
CA GLN A 64 19.34 -23.81 1.36
C GLN A 64 19.09 -24.22 2.80
N GLY A 65 19.07 -25.54 3.03
CA GLY A 65 18.89 -26.09 4.36
C GLY A 65 20.01 -27.05 4.75
N TRP A 66 19.62 -28.24 5.18
CA TRP A 66 20.58 -29.28 5.60
C TRP A 66 19.90 -30.60 5.36
N ASN A 67 20.65 -31.71 5.50
CA ASN A 67 20.07 -33.05 5.34
C ASN A 67 19.29 -33.42 6.60
N ILE A 68 17.97 -33.37 6.53
CA ILE A 68 17.13 -33.60 7.67
C ILE A 68 17.15 -35.08 8.03
N LYS A 69 17.28 -35.33 9.32
CA LYS A 69 17.21 -36.69 9.87
C LYS A 69 16.05 -36.79 10.83
N TYR A 70 15.40 -37.95 10.88
CA TYR A 70 14.35 -38.16 11.88
C TYR A 70 14.52 -39.53 12.52
N ASP A 71 14.01 -39.66 13.73
CA ASP A 71 13.97 -40.94 14.43
C ASP A 71 12.73 -41.68 13.97
N PRO A 72 12.91 -42.80 13.25
CA PRO A 72 11.75 -43.55 12.73
C PRO A 72 10.80 -43.99 13.86
N LEU A 73 11.30 -44.07 15.09
CA LEU A 73 10.48 -44.47 16.23
C LEU A 73 9.68 -43.34 16.89
N LYS A 74 9.82 -42.12 16.37
CA LYS A 74 9.01 -40.99 16.83
C LYS A 74 7.51 -41.21 16.67
N TYR A 75 7.10 -41.82 15.57
N TYR A 75 7.15 -41.88 15.59
CA TYR A 75 5.67 -42.11 15.34
CA TYR A 75 5.77 -42.24 15.32
C TYR A 75 5.40 -43.61 15.45
C TYR A 75 5.52 -43.68 15.71
N ASN A 76 4.29 -43.95 16.12
CA ASN A 76 3.87 -45.33 16.44
C ASN A 76 2.34 -45.38 16.45
N ALA A 77 1.76 -46.54 16.77
CA ALA A 77 0.30 -46.70 16.75
C ALA A 77 -0.42 -45.65 17.60
N HIS A 78 0.23 -45.19 18.67
CA HIS A 78 -0.43 -44.27 19.61
C HIS A 78 -0.14 -42.81 19.30
N HIS A 79 0.72 -42.59 18.32
CA HIS A 79 1.15 -41.24 17.98
C HIS A 79 1.51 -41.22 16.50
N LYS A 80 0.49 -41.04 15.67
CA LYS A 80 0.68 -41.07 14.23
C LYS A 80 0.92 -39.66 13.68
N LEU A 81 1.51 -39.62 12.50
CA LEU A 81 1.64 -38.34 11.78
C LEU A 81 0.37 -38.14 10.95
N LYS A 82 -0.33 -37.03 11.20
CA LYS A 82 -1.56 -36.73 10.48
C LYS A 82 -1.16 -35.77 9.39
N VAL A 83 -1.41 -36.13 8.13
CA VAL A 83 -0.96 -35.36 6.98
C VAL A 83 -2.17 -34.82 6.22
N PHE A 84 -2.23 -33.50 6.00
CA PHE A 84 -3.28 -32.85 5.20
C PHE A 84 -2.69 -32.37 3.90
N VAL A 85 -3.12 -33.00 2.81
CA VAL A 85 -2.72 -32.60 1.48
C VAL A 85 -3.77 -31.64 0.98
N VAL A 86 -3.35 -30.39 0.72
CA VAL A 86 -4.30 -29.30 0.46
C VAL A 86 -4.19 -28.80 -0.98
N PRO A 87 -5.07 -29.26 -1.86
CA PRO A 87 -5.00 -28.84 -3.28
C PRO A 87 -5.32 -27.35 -3.42
N HIS A 88 -4.56 -26.71 -4.30
CA HIS A 88 -4.73 -25.25 -4.50
C HIS A 88 -4.29 -24.87 -5.90
N SER A 89 -4.65 -23.65 -6.31
CA SER A 89 -4.35 -23.15 -7.62
C SER A 89 -4.07 -21.63 -7.50
N HIS A 90 -2.85 -21.21 -7.77
CA HIS A 90 -2.53 -19.79 -7.61
C HIS A 90 -2.96 -19.03 -8.86
N ASN A 91 -3.93 -18.12 -8.69
CA ASN A 91 -4.49 -17.39 -9.81
C ASN A 91 -4.20 -15.91 -9.68
N ASP A 92 -3.29 -15.42 -10.47
CA ASP A 92 -2.92 -14.00 -10.44
C ASP A 92 -3.95 -13.16 -11.16
N PRO A 93 -4.57 -12.19 -10.46
CA PRO A 93 -5.53 -11.25 -11.10
C PRO A 93 -4.78 -10.20 -11.96
N GLY A 94 -4.14 -10.69 -13.02
CA GLY A 94 -3.25 -9.89 -13.88
C GLY A 94 -1.81 -10.19 -13.51
N TRP A 95 -1.00 -10.40 -14.54
CA TRP A 95 0.47 -10.52 -14.41
C TRP A 95 1.07 -10.54 -15.81
N ILE A 96 1.07 -11.72 -16.44
CA ILE A 96 1.51 -11.90 -17.83
C ILE A 96 0.36 -11.69 -18.80
N GLN A 97 -0.87 -11.88 -18.33
N GLN A 97 -0.86 -11.88 -18.31
CA GLN A 97 -2.07 -11.52 -19.07
CA GLN A 97 -2.11 -11.60 -19.01
C GLN A 97 -2.90 -10.62 -18.18
C GLN A 97 -2.93 -10.64 -18.15
N THR A 98 -3.92 -9.98 -18.73
CA THR A 98 -4.81 -9.16 -17.93
C THR A 98 -5.74 -10.06 -17.12
N PHE A 99 -6.40 -9.49 -16.12
CA PHE A 99 -7.43 -10.18 -15.38
C PHE A 99 -8.42 -10.88 -16.31
N GLU A 100 -8.96 -10.14 -17.26
CA GLU A 100 -9.98 -10.75 -18.12
C GLU A 100 -9.40 -11.81 -19.05
N GLU A 101 -8.19 -11.63 -19.55
CA GLU A 101 -7.55 -12.65 -20.37
C GLU A 101 -7.33 -13.93 -19.60
N TYR A 102 -6.79 -13.84 -18.39
CA TYR A 102 -6.61 -15.05 -17.59
C TYR A 102 -7.97 -15.69 -17.28
N TYR A 103 -8.98 -14.88 -17.00
CA TYR A 103 -10.26 -15.43 -16.65
C TYR A 103 -10.79 -16.27 -17.82
N GLN A 104 -10.68 -15.72 -19.02
CA GLN A 104 -11.23 -16.42 -20.19
C GLN A 104 -10.41 -17.64 -20.52
N HIS A 105 -9.09 -17.54 -20.39
CA HIS A 105 -8.21 -18.63 -20.87
C HIS A 105 -7.99 -19.70 -19.83
N ASP A 106 -8.06 -19.34 -18.55
CA ASP A 106 -7.65 -20.26 -17.50
C ASP A 106 -8.63 -20.36 -16.35
N THR A 107 -8.89 -19.24 -15.67
CA THR A 107 -9.57 -19.32 -14.36
C THR A 107 -11.02 -19.81 -14.48
N LYS A 108 -11.71 -19.42 -15.56
CA LYS A 108 -13.09 -19.89 -15.64
C LYS A 108 -13.17 -21.41 -15.78
N HIS A 109 -12.16 -21.97 -16.43
CA HIS A 109 -12.08 -23.43 -16.59
C HIS A 109 -11.70 -24.11 -15.29
N ILE A 110 -10.74 -23.52 -14.58
CA ILE A 110 -10.36 -24.05 -13.27
C ILE A 110 -11.57 -24.10 -12.33
N LEU A 111 -12.33 -23.01 -12.24
CA LEU A 111 -13.47 -23.01 -11.34
C LEU A 111 -14.62 -23.90 -11.80
N SER A 112 -14.87 -23.92 -13.11
CA SER A 112 -15.91 -24.80 -13.62
CA SER A 112 -15.87 -24.82 -13.71
C SER A 112 -15.55 -26.28 -13.39
N ASN A 113 -14.29 -26.64 -13.61
CA ASN A 113 -13.88 -28.01 -13.39
C ASN A 113 -13.77 -28.33 -11.91
N ALA A 114 -13.44 -27.34 -11.07
CA ALA A 114 -13.43 -27.59 -9.63
C ALA A 114 -14.83 -27.90 -9.15
N LEU A 115 -15.82 -27.17 -9.66
CA LEU A 115 -17.20 -27.40 -9.29
C LEU A 115 -17.62 -28.84 -9.63
N ARG A 116 -17.31 -29.26 -10.85
CA ARG A 116 -17.70 -30.59 -11.29
C ARG A 116 -16.97 -31.68 -10.49
N HIS A 117 -15.65 -31.55 -10.40
CA HIS A 117 -14.87 -32.60 -9.75
CA HIS A 117 -14.84 -32.59 -9.76
C HIS A 117 -15.10 -32.71 -8.28
N LEU A 118 -15.25 -31.58 -7.57
CA LEU A 118 -15.60 -31.65 -6.17
C LEU A 118 -17.00 -32.22 -5.97
N HIS A 119 -17.94 -31.79 -6.78
CA HIS A 119 -19.28 -32.35 -6.66
C HIS A 119 -19.24 -33.87 -6.76
N ASP A 120 -18.52 -34.37 -7.74
CA ASP A 120 -18.51 -35.80 -8.05
C ASP A 120 -17.61 -36.64 -7.14
N ASN A 121 -16.70 -36.01 -6.38
CA ASN A 121 -15.72 -36.72 -5.55
C ASN A 121 -15.74 -36.17 -4.14
N PRO A 122 -16.63 -36.66 -3.29
CA PRO A 122 -16.89 -36.04 -1.99
C PRO A 122 -15.69 -35.90 -1.02
N GLU A 123 -14.65 -36.72 -1.17
CA GLU A 123 -13.46 -36.57 -0.31
C GLU A 123 -12.40 -35.61 -0.84
N MET A 124 -12.54 -35.18 -2.09
CA MET A 124 -11.62 -34.20 -2.67
C MET A 124 -11.87 -32.82 -2.06
N LYS A 125 -10.81 -32.03 -1.94
CA LYS A 125 -10.86 -30.70 -1.33
C LYS A 125 -10.12 -29.72 -2.19
N PHE A 126 -10.37 -28.42 -1.95
CA PHE A 126 -9.72 -27.37 -2.76
C PHE A 126 -9.85 -26.08 -1.99
N ILE A 127 -8.80 -25.28 -2.01
CA ILE A 127 -8.87 -23.95 -1.39
C ILE A 127 -8.80 -22.86 -2.47
N TRP A 128 -9.45 -21.72 -2.18
CA TRP A 128 -9.49 -20.61 -3.13
C TRP A 128 -9.26 -19.31 -2.40
N ALA A 129 -8.37 -18.48 -2.96
CA ALA A 129 -7.97 -17.23 -2.33
C ALA A 129 -8.55 -15.94 -2.96
N GLU A 130 -8.59 -15.86 -4.29
CA GLU A 130 -8.77 -14.55 -4.98
C GLU A 130 -10.27 -14.35 -5.30
N ILE A 131 -10.96 -13.55 -4.51
CA ILE A 131 -12.40 -13.40 -4.67
C ILE A 131 -12.76 -12.58 -5.90
N SER A 132 -11.87 -11.74 -6.38
CA SER A 132 -12.14 -11.04 -7.65
C SER A 132 -12.51 -12.04 -8.75
N TYR A 133 -11.71 -13.11 -8.88
CA TYR A 133 -12.01 -14.14 -9.88
C TYR A 133 -13.27 -14.93 -9.52
N PHE A 134 -13.46 -15.23 -8.25
CA PHE A 134 -14.58 -16.07 -7.87
C PHE A 134 -15.88 -15.34 -8.14
N ALA A 135 -15.93 -14.05 -7.82
CA ALA A 135 -17.12 -13.23 -8.07
C ALA A 135 -17.36 -13.12 -9.58
N ARG A 136 -16.31 -12.92 -10.36
CA ARG A 136 -16.38 -12.86 -11.84
C ARG A 136 -17.02 -14.15 -12.41
N PHE A 137 -16.66 -15.30 -11.84
CA PHE A 137 -17.16 -16.60 -12.26
C PHE A 137 -18.59 -16.82 -11.79
N TYR A 138 -18.85 -16.59 -10.50
CA TYR A 138 -20.12 -16.95 -9.87
CA TYR A 138 -20.13 -16.88 -9.85
C TYR A 138 -21.28 -16.18 -10.53
N HIS A 139 -21.06 -14.91 -10.85
CA HIS A 139 -22.15 -14.13 -11.41
C HIS A 139 -22.47 -14.56 -12.87
N ASP A 140 -21.60 -15.34 -13.50
CA ASP A 140 -21.93 -15.91 -14.82
C ASP A 140 -22.55 -17.30 -14.78
N LEU A 141 -22.68 -17.87 -13.60
CA LEU A 141 -23.31 -19.17 -13.42
C LEU A 141 -24.83 -19.08 -13.47
N GLY A 142 -25.45 -20.11 -14.06
CA GLY A 142 -26.87 -20.34 -13.91
C GLY A 142 -27.19 -20.77 -12.48
N GLU A 143 -28.45 -20.64 -12.11
CA GLU A 143 -28.91 -20.90 -10.75
C GLU A 143 -28.61 -22.32 -10.31
N ASN A 144 -28.78 -23.27 -11.20
CA ASN A 144 -28.47 -24.67 -10.91
C ASN A 144 -27.03 -24.81 -10.39
N LYS A 145 -26.08 -24.24 -11.12
CA LYS A 145 -24.67 -24.29 -10.76
C LYS A 145 -24.34 -23.44 -9.51
N LYS A 146 -24.97 -22.28 -9.35
CA LYS A 146 -24.81 -21.48 -8.13
C LYS A 146 -25.16 -22.32 -6.91
N LEU A 147 -26.27 -23.05 -6.98
CA LEU A 147 -26.70 -23.90 -5.86
C LEU A 147 -25.71 -25.03 -5.59
N GLN A 148 -25.21 -25.68 -6.65
CA GLN A 148 -24.19 -26.72 -6.50
C GLN A 148 -22.92 -26.13 -5.85
N MET A 149 -22.54 -24.93 -6.27
CA MET A 149 -21.37 -24.26 -5.67
C MET A 149 -21.58 -23.98 -4.19
N LYS A 150 -22.73 -23.43 -3.83
CA LYS A 150 -23.00 -23.13 -2.43
C LYS A 150 -22.93 -24.42 -1.60
N SER A 151 -23.34 -25.53 -2.18
N SER A 151 -23.36 -25.53 -2.17
CA SER A 151 -23.36 -26.83 -1.47
CA SER A 151 -23.35 -26.81 -1.45
C SER A 151 -21.97 -27.42 -1.21
C SER A 151 -21.93 -27.30 -1.15
N ILE A 152 -21.05 -27.26 -2.15
CA ILE A 152 -19.66 -27.73 -1.93
C ILE A 152 -18.88 -26.79 -0.99
N VAL A 153 -19.33 -25.54 -0.89
CA VAL A 153 -18.80 -24.62 0.13
C VAL A 153 -19.36 -24.95 1.51
N LYS A 154 -20.68 -25.09 1.59
N LYS A 154 -20.69 -25.09 1.59
CA LYS A 154 -21.33 -25.40 2.87
CA LYS A 154 -21.33 -25.42 2.86
C LYS A 154 -20.88 -26.74 3.48
C LYS A 154 -20.78 -26.72 3.48
N ASN A 155 -20.56 -27.72 2.65
CA ASN A 155 -20.07 -29.03 3.12
C ASN A 155 -18.55 -29.08 3.35
N GLY A 156 -17.86 -27.98 3.06
CA GLY A 156 -16.43 -27.85 3.38
C GLY A 156 -15.46 -28.44 2.38
N GLN A 157 -15.92 -28.82 1.20
CA GLN A 157 -15.00 -29.28 0.18
C GLN A 157 -14.21 -28.16 -0.48
N LEU A 158 -14.92 -27.09 -0.82
CA LEU A 158 -14.24 -25.89 -1.32
CA LEU A 158 -14.29 -25.87 -1.34
C LEU A 158 -14.23 -24.88 -0.19
N GLU A 159 -13.02 -24.46 0.16
CA GLU A 159 -12.84 -23.54 1.28
C GLU A 159 -12.12 -22.29 0.83
N PHE A 160 -12.68 -21.16 1.20
CA PHE A 160 -12.06 -19.87 0.93
C PHE A 160 -11.02 -19.58 1.99
N VAL A 161 -9.87 -19.14 1.51
CA VAL A 161 -8.75 -18.79 2.38
C VAL A 161 -8.47 -17.30 2.16
N THR A 162 -8.38 -16.58 3.29
CA THR A 162 -8.30 -15.10 3.35
C THR A 162 -9.64 -14.48 2.93
N GLY A 163 -9.96 -14.64 1.66
CA GLY A 163 -11.21 -14.11 1.13
C GLY A 163 -11.14 -12.65 0.74
N GLY A 164 -9.91 -12.14 0.52
CA GLY A 164 -9.77 -10.82 -0.07
C GLY A 164 -10.03 -10.80 -1.55
N TRP A 165 -10.29 -9.60 -2.10
CA TRP A 165 -10.44 -9.46 -3.54
C TRP A 165 -9.21 -10.04 -4.24
N VAL A 166 -8.03 -9.83 -3.63
CA VAL A 166 -6.75 -10.30 -4.18
C VAL A 166 -5.92 -10.88 -3.03
N MET A 167 -4.73 -11.36 -3.39
CA MET A 167 -3.69 -11.66 -2.40
C MET A 167 -2.70 -10.51 -2.50
N PRO A 168 -2.82 -9.50 -1.64
CA PRO A 168 -2.11 -8.27 -1.91
C PRO A 168 -0.62 -8.29 -1.69
N ASP A 169 0.07 -7.41 -2.40
CA ASP A 169 1.41 -7.01 -1.99
C ASP A 169 1.36 -6.56 -0.54
N GLU A 170 2.45 -6.79 0.17
CA GLU A 170 2.56 -6.36 1.59
C GLU A 170 3.62 -5.28 1.78
N ALA A 171 4.36 -4.93 0.74
CA ALA A 171 5.42 -3.94 0.86
C ALA A 171 4.95 -2.51 0.55
N ASN A 172 4.29 -2.36 -0.60
CA ASN A 172 3.96 -1.02 -1.11
C ASN A 172 2.55 -0.58 -0.74
N SER A 173 1.71 -1.54 -0.38
CA SER A 173 0.27 -1.31 -0.14
C SER A 173 0.08 -0.49 1.12
N HIS A 174 -0.86 0.45 1.07
CA HIS A 174 -1.26 1.14 2.27
C HIS A 174 -2.23 0.26 3.07
N TRP A 175 -2.14 0.27 4.39
CA TRP A 175 -3.03 -0.55 5.22
C TRP A 175 -4.49 -0.27 4.90
N ARG A 176 -4.81 0.98 4.58
CA ARG A 176 -6.22 1.30 4.27
C ARG A 176 -6.69 0.51 3.06
N ASN A 177 -5.83 0.31 2.08
CA ASN A 177 -6.22 -0.42 0.88
C ASN A 177 -6.13 -1.93 1.07
N VAL A 178 -5.29 -2.38 1.97
CA VAL A 178 -5.30 -3.78 2.34
C VAL A 178 -6.64 -4.08 3.00
N LEU A 179 -7.10 -3.22 3.89
CA LEU A 179 -8.39 -3.43 4.50
C LEU A 179 -9.52 -3.31 3.48
N LEU A 180 -9.40 -2.38 2.54
CA LEU A 180 -10.45 -2.17 1.54
C LEU A 180 -10.62 -3.45 0.74
N GLN A 181 -9.53 -4.01 0.25
CA GLN A 181 -9.68 -5.20 -0.59
C GLN A 181 -10.13 -6.44 0.19
N LEU A 182 -9.70 -6.54 1.45
CA LEU A 182 -10.16 -7.62 2.32
C LEU A 182 -11.64 -7.51 2.50
N THR A 183 -12.12 -6.31 2.76
CA THR A 183 -13.54 -6.07 2.98
C THR A 183 -14.31 -6.34 1.72
N GLU A 184 -13.79 -5.97 0.58
CA GLU A 184 -14.55 -6.17 -0.67
C GLU A 184 -14.78 -7.67 -0.89
N GLY A 185 -13.74 -8.47 -0.75
CA GLY A 185 -13.88 -9.91 -0.94
C GLY A 185 -14.73 -10.55 0.14
N GLN A 186 -14.56 -10.17 1.39
CA GLN A 186 -15.28 -10.86 2.47
C GLN A 186 -16.75 -10.45 2.45
N THR A 187 -17.05 -9.19 2.10
CA THR A 187 -18.46 -8.78 2.00
C THR A 187 -19.16 -9.59 0.92
N TRP A 188 -18.50 -9.77 -0.22
CA TRP A 188 -19.03 -10.60 -1.30
C TRP A 188 -19.25 -12.03 -0.77
N LEU A 189 -18.28 -12.60 -0.08
CA LEU A 189 -18.43 -13.98 0.42
C LEU A 189 -19.55 -14.09 1.40
N LYS A 190 -19.73 -13.14 2.30
CA LYS A 190 -20.79 -13.23 3.28
C LYS A 190 -22.15 -13.20 2.55
N GLN A 191 -22.28 -12.31 1.59
CA GLN A 191 -23.56 -12.12 0.91
C GLN A 191 -23.91 -13.34 0.07
N PHE A 192 -22.97 -13.88 -0.70
CA PHE A 192 -23.30 -14.90 -1.68
C PHE A 192 -22.99 -16.33 -1.27
N MET A 193 -22.00 -16.52 -0.39
CA MET A 193 -21.54 -17.86 0.01
CA MET A 193 -21.58 -17.87 0.00
C MET A 193 -21.83 -18.13 1.48
N ASN A 194 -22.26 -17.10 2.22
CA ASN A 194 -22.52 -17.22 3.65
C ASN A 194 -21.35 -17.78 4.46
N VAL A 195 -20.13 -17.34 4.17
CA VAL A 195 -18.95 -17.77 4.92
C VAL A 195 -18.00 -16.59 5.08
N THR A 196 -17.25 -16.62 6.16
CA THR A 196 -16.20 -15.61 6.44
C THR A 196 -14.95 -16.37 6.87
N PRO A 197 -13.92 -16.41 6.02
CA PRO A 197 -12.68 -17.11 6.35
C PRO A 197 -12.05 -16.57 7.62
N THR A 198 -11.45 -17.47 8.40
CA THR A 198 -10.66 -17.08 9.58
C THR A 198 -9.24 -17.56 9.48
N ALA A 199 -8.87 -18.16 8.34
CA ALA A 199 -7.48 -18.55 8.04
C ALA A 199 -7.07 -17.84 6.77
N SER A 200 -5.88 -17.25 6.80
CA SER A 200 -5.32 -16.52 5.66
C SER A 200 -4.23 -17.33 4.99
N TRP A 201 -4.14 -17.20 3.67
CA TRP A 201 -3.15 -17.90 2.81
C TRP A 201 -2.44 -16.85 1.94
N ALA A 202 -1.16 -16.63 2.23
CA ALA A 202 -0.38 -15.63 1.47
C ALA A 202 0.93 -16.28 1.01
N ILE A 203 0.83 -17.03 -0.08
CA ILE A 203 1.95 -17.82 -0.57
C ILE A 203 2.87 -17.04 -1.48
N ALA A 204 2.43 -15.87 -1.92
CA ALA A 204 3.08 -15.22 -3.06
C ALA A 204 3.66 -13.80 -2.91
N PRO A 205 3.20 -12.98 -1.95
CA PRO A 205 3.80 -11.63 -1.85
C PRO A 205 5.29 -11.68 -1.58
N PHE A 206 6.02 -10.65 -2.02
CA PHE A 206 7.49 -10.78 -2.07
C PHE A 206 8.10 -10.25 -0.75
N GLY A 207 7.97 -11.07 0.29
CA GLY A 207 8.22 -10.64 1.65
C GLY A 207 6.91 -10.31 2.35
N HIS A 208 6.91 -10.26 3.69
CA HIS A 208 5.69 -10.19 4.47
C HIS A 208 5.75 -9.17 5.57
N SER A 209 4.61 -8.50 5.80
CA SER A 209 4.51 -7.40 6.73
C SER A 209 3.63 -7.76 7.93
N PRO A 210 3.96 -7.29 9.14
CA PRO A 210 3.11 -7.49 10.32
C PRO A 210 1.81 -6.69 10.23
N THR A 211 1.67 -5.81 9.23
CA THR A 211 0.39 -5.18 9.04
C THR A 211 -0.70 -6.19 8.73
N MET A 212 -0.34 -7.28 8.06
CA MET A 212 -1.31 -8.32 7.78
C MET A 212 -1.92 -8.96 9.04
N PRO A 213 -1.14 -9.54 9.95
CA PRO A 213 -1.78 -10.07 11.16
C PRO A 213 -2.48 -8.96 11.93
N TYR A 214 -1.99 -7.70 11.90
CA TYR A 214 -2.69 -6.63 12.61
C TYR A 214 -4.14 -6.51 12.12
N ILE A 215 -4.31 -6.38 10.81
CA ILE A 215 -5.64 -6.21 10.22
C ILE A 215 -6.46 -7.51 10.36
N LEU A 216 -5.82 -8.65 10.09
CA LEU A 216 -6.54 -9.92 10.13
C LEU A 216 -7.04 -10.24 11.54
N GLN A 217 -6.22 -10.04 12.56
CA GLN A 217 -6.66 -10.35 13.92
C GLN A 217 -7.83 -9.44 14.34
N LYS A 218 -7.93 -8.21 13.81
CA LYS A 218 -9.04 -7.32 14.10
C LYS A 218 -10.23 -7.53 13.15
N SER A 219 -10.10 -8.52 12.27
CA SER A 219 -11.13 -8.90 11.31
C SER A 219 -11.58 -10.35 11.50
N GLY A 220 -11.41 -10.87 12.73
CA GLY A 220 -11.92 -12.18 13.13
C GLY A 220 -11.00 -13.36 12.84
N PHE A 221 -9.82 -13.14 12.24
CA PHE A 221 -8.95 -14.27 11.89
C PHE A 221 -8.32 -14.90 13.11
N LYS A 222 -8.01 -16.18 12.96
CA LYS A 222 -7.37 -16.96 14.00
C LYS A 222 -6.04 -17.54 13.54
N ASN A 223 -5.78 -17.61 12.22
CA ASN A 223 -4.57 -18.24 11.71
C ASN A 223 -4.15 -17.62 10.40
N MET A 224 -2.86 -17.64 10.12
CA MET A 224 -2.37 -17.21 8.80
C MET A 224 -1.14 -17.98 8.36
N LEU A 225 -0.92 -17.99 7.06
CA LEU A 225 0.19 -18.73 6.46
C LEU A 225 0.94 -17.79 5.54
N ILE A 226 2.27 -17.86 5.61
CA ILE A 226 3.15 -17.08 4.72
C ILE A 226 4.21 -17.99 4.12
N GLN A 227 4.87 -17.53 3.07
CA GLN A 227 5.86 -18.33 2.35
C GLN A 227 7.11 -17.58 1.92
N ARG A 228 7.02 -16.37 1.40
CA ARG A 228 8.18 -15.78 0.75
CA ARG A 228 8.18 -15.78 0.76
C ARG A 228 8.96 -14.98 1.77
N THR A 229 9.82 -15.70 2.49
CA THR A 229 10.74 -15.10 3.42
C THR A 229 12.15 -15.55 3.01
N HIS A 230 13.09 -14.72 3.42
CA HIS A 230 14.51 -14.93 3.08
C HIS A 230 14.93 -16.37 3.39
N TYR A 231 15.66 -17.00 2.44
CA TYR A 231 16.08 -18.37 2.65
C TYR A 231 16.89 -18.58 3.94
N SER A 232 17.64 -17.58 4.35
CA SER A 232 18.41 -17.71 5.60
C SER A 232 17.50 -17.70 6.83
N VAL A 233 16.41 -16.93 6.78
CA VAL A 233 15.42 -16.93 7.84
C VAL A 233 14.71 -18.28 7.92
N LYS A 234 14.31 -18.81 6.78
CA LYS A 234 13.72 -20.16 6.78
C LYS A 234 14.66 -21.16 7.49
N LYS A 235 15.94 -21.16 7.11
CA LYS A 235 16.90 -22.10 7.72
C LYS A 235 17.00 -21.90 9.23
N GLU A 236 17.16 -20.66 9.66
CA GLU A 236 17.32 -20.34 11.07
C GLU A 236 16.10 -20.76 11.88
N LEU A 237 14.91 -20.39 11.43
CA LEU A 237 13.70 -20.73 12.16
C LEU A 237 13.46 -22.24 12.08
N ALA A 238 13.76 -22.88 10.97
CA ALA A 238 13.53 -24.33 10.89
C ALA A 238 14.40 -25.08 11.91
N GLN A 239 15.63 -24.64 12.05
CA GLN A 239 16.56 -25.27 13.00
C GLN A 239 16.02 -25.25 14.41
N GLN A 240 15.26 -24.22 14.75
CA GLN A 240 14.73 -24.02 16.09
C GLN A 240 13.27 -24.43 16.23
N ARG A 241 12.72 -25.03 15.16
CA ARG A 241 11.28 -25.28 15.07
C ARG A 241 10.47 -24.05 15.46
N GLN A 242 10.84 -22.92 14.86
CA GLN A 242 10.13 -21.64 15.07
C GLN A 242 9.42 -21.17 13.80
N LEU A 243 9.05 -22.10 12.93
CA LEU A 243 8.33 -21.75 11.71
C LEU A 243 6.85 -21.52 11.98
N GLU A 244 6.34 -21.99 13.11
CA GLU A 244 5.01 -21.61 13.56
C GLU A 244 5.16 -20.76 14.80
N PHE A 245 4.48 -19.63 14.85
CA PHE A 245 4.72 -18.65 15.90
C PHE A 245 3.51 -17.77 16.10
N LEU A 246 3.41 -17.15 17.27
CA LEU A 246 2.38 -16.19 17.56
C LEU A 246 2.96 -14.84 17.21
N TRP A 247 2.49 -14.31 16.09
CA TRP A 247 3.06 -13.09 15.54
C TRP A 247 2.33 -11.89 16.12
N ARG A 248 3.03 -11.14 16.98
CA ARG A 248 2.47 -9.93 17.58
C ARG A 248 3.13 -8.67 17.00
N GLN A 249 2.50 -7.53 17.22
CA GLN A 249 3.09 -6.26 16.74
C GLN A 249 4.31 -5.89 17.56
N ILE A 250 5.22 -5.14 16.96
CA ILE A 250 6.50 -4.85 17.61
C ILE A 250 6.38 -4.06 18.91
N TRP A 251 5.28 -3.36 19.09
CA TRP A 251 5.11 -2.56 20.31
C TRP A 251 4.26 -3.24 21.36
N ASP A 252 3.75 -4.43 21.04
CA ASP A 252 2.70 -5.05 21.85
C ASP A 252 3.28 -5.84 23.02
N ASN A 253 3.26 -5.23 24.18
CA ASN A 253 3.86 -5.86 25.35
C ASN A 253 3.04 -7.05 25.88
N LYS A 254 1.74 -6.92 25.83
CA LYS A 254 0.82 -7.89 26.42
C LYS A 254 0.60 -9.09 25.51
N GLY A 255 0.52 -8.85 24.21
CA GLY A 255 0.31 -9.94 23.26
C GLY A 255 -1.09 -10.01 22.69
N ASP A 256 -1.95 -9.03 22.94
CA ASP A 256 -3.32 -9.12 22.45
C ASP A 256 -3.46 -9.03 20.91
N THR A 257 -2.41 -8.55 20.25
CA THR A 257 -2.43 -8.52 18.78
C THR A 257 -2.01 -9.83 18.11
N ALA A 258 -1.56 -10.80 18.91
CA ALA A 258 -0.93 -12.02 18.38
C ALA A 258 -1.85 -12.80 17.47
N LEU A 259 -1.30 -13.28 16.37
CA LEU A 259 -2.01 -14.17 15.44
C LEU A 259 -1.12 -15.33 15.11
N PHE A 260 -1.66 -16.56 15.28
CA PHE A 260 -0.86 -17.74 14.96
C PHE A 260 -0.50 -17.76 13.49
N THR A 261 0.79 -17.97 13.20
CA THR A 261 1.29 -17.87 11.84
C THR A 261 2.10 -19.12 11.52
N HIS A 262 1.88 -19.68 10.32
CA HIS A 262 2.67 -20.77 9.80
C HIS A 262 3.52 -20.27 8.64
N MET A 263 4.83 -20.34 8.77
CA MET A 263 5.75 -20.07 7.67
C MET A 263 6.14 -21.37 6.99
N MET A 264 5.93 -21.46 5.68
N MET A 264 5.93 -21.48 5.68
CA MET A 264 6.37 -22.63 4.90
CA MET A 264 6.37 -22.67 4.94
C MET A 264 7.90 -22.63 4.84
C MET A 264 7.89 -22.64 4.83
N PRO A 265 8.52 -23.81 4.78
CA PRO A 265 9.98 -23.90 4.98
C PRO A 265 10.86 -23.82 3.76
N PHE A 266 10.31 -24.01 2.57
CA PHE A 266 11.11 -24.27 1.37
C PHE A 266 11.05 -23.14 0.35
N TYR A 267 11.72 -23.34 -0.76
CA TYR A 267 12.03 -22.29 -1.70
C TYR A 267 10.79 -21.80 -2.46
N SER A 268 9.80 -22.64 -2.67
CA SER A 268 8.63 -22.27 -3.48
C SER A 268 7.37 -22.89 -2.92
N TYR A 269 6.23 -22.39 -3.42
CA TYR A 269 4.95 -23.01 -3.09
C TYR A 269 4.53 -24.09 -4.11
N ASP A 270 5.37 -24.35 -5.11
CA ASP A 270 5.06 -25.41 -6.07
C ASP A 270 5.23 -26.82 -5.49
N ILE A 271 4.75 -27.83 -6.22
CA ILE A 271 4.74 -29.19 -5.66
C ILE A 271 6.16 -29.70 -5.33
N PRO A 272 7.15 -29.48 -6.21
CA PRO A 272 8.52 -29.90 -5.85
C PRO A 272 9.02 -29.34 -4.54
N HIS A 273 8.51 -28.19 -4.10
CA HIS A 273 9.01 -27.58 -2.86
C HIS A 273 8.01 -27.57 -1.72
N THR A 274 7.01 -28.45 -1.79
CA THR A 274 6.04 -28.52 -0.71
C THR A 274 5.84 -29.92 -0.15
N CYS A 275 6.37 -30.98 -0.77
CA CYS A 275 6.16 -32.30 -0.15
C CYS A 275 7.20 -32.63 0.95
N GLY A 276 8.33 -31.96 0.89
CA GLY A 276 9.50 -32.33 1.68
C GLY A 276 10.72 -31.63 1.14
N PRO A 277 11.90 -31.89 1.72
CA PRO A 277 13.12 -31.15 1.40
C PRO A 277 13.81 -31.45 0.08
N ASP A 278 13.45 -32.54 -0.58
CA ASP A 278 14.15 -32.92 -1.81
C ASP A 278 13.25 -32.77 -3.04
N PRO A 279 13.45 -31.71 -3.80
CA PRO A 279 12.55 -31.46 -4.93
C PRO A 279 12.65 -32.53 -6.03
N LYS A 280 13.79 -33.22 -6.12
CA LYS A 280 13.91 -34.30 -7.10
C LYS A 280 12.93 -35.41 -6.80
N VAL A 281 12.64 -35.62 -5.51
CA VAL A 281 11.64 -36.59 -5.09
C VAL A 281 10.22 -36.01 -5.17
N CYS A 282 10.00 -34.82 -4.60
CA CYS A 282 8.66 -34.22 -4.58
C CYS A 282 8.11 -34.02 -6.00
N CYS A 283 8.98 -33.68 -6.95
CA CYS A 283 8.53 -33.50 -8.32
C CYS A 283 7.86 -34.75 -8.91
N GLN A 284 8.26 -35.93 -8.41
CA GLN A 284 7.67 -37.19 -8.87
C GLN A 284 6.27 -37.39 -8.36
N PHE A 285 5.81 -36.48 -7.50
CA PHE A 285 4.46 -36.56 -6.98
C PHE A 285 3.59 -35.38 -7.45
N ASP A 286 4.07 -34.73 -8.51
CA ASP A 286 3.26 -33.77 -9.28
C ASP A 286 2.83 -34.50 -10.55
N PHE A 287 1.63 -35.06 -10.52
CA PHE A 287 1.22 -35.96 -11.60
C PHE A 287 0.87 -35.24 -12.88
N LYS A 288 0.94 -33.89 -12.88
CA LYS A 288 0.80 -33.16 -14.13
C LYS A 288 2.10 -33.14 -14.94
N ARG A 289 3.19 -33.69 -14.41
CA ARG A 289 4.48 -33.58 -15.09
C ARG A 289 4.95 -34.82 -15.88
N MET A 290 4.04 -35.66 -16.37
CA MET A 290 4.48 -36.89 -17.08
C MET A 290 4.67 -36.74 -18.61
N GLY A 291 4.23 -35.60 -19.18
CA GLY A 291 4.51 -35.27 -20.57
C GLY A 291 3.39 -34.68 -21.44
N SER A 292 2.18 -35.22 -21.34
CA SER A 292 1.06 -34.80 -22.19
C SER A 292 0.56 -33.38 -21.90
N PHE A 293 0.94 -32.86 -20.71
CA PHE A 293 0.59 -31.50 -20.30
C PHE A 293 1.70 -30.51 -20.65
N GLY A 294 2.77 -30.99 -21.28
CA GLY A 294 3.85 -30.08 -21.63
C GLY A 294 4.67 -29.62 -20.45
N LEU A 295 4.64 -30.41 -19.39
CA LEU A 295 5.44 -30.15 -18.21
C LEU A 295 6.36 -31.33 -17.95
N SER A 296 7.46 -31.04 -17.26
CA SER A 296 8.45 -32.09 -16.91
C SER A 296 9.11 -31.70 -15.62
N CYS A 297 9.94 -32.61 -15.09
CA CYS A 297 10.70 -32.40 -13.85
C CYS A 297 12.14 -32.02 -14.19
N PRO A 298 12.59 -30.82 -13.82
CA PRO A 298 13.97 -30.39 -14.13
C PRO A 298 15.04 -31.23 -13.43
N TRP A 299 14.66 -32.01 -12.42
CA TRP A 299 15.61 -32.90 -11.73
C TRP A 299 15.72 -34.24 -12.43
N LYS A 300 15.01 -34.38 -13.54
CA LYS A 300 15.20 -35.46 -14.52
C LYS A 300 14.62 -36.82 -14.16
N VAL A 301 13.85 -36.89 -13.07
CA VAL A 301 13.14 -38.10 -12.74
C VAL A 301 11.65 -37.76 -12.82
N PRO A 302 10.93 -38.36 -13.76
CA PRO A 302 9.52 -38.02 -13.97
C PRO A 302 8.63 -38.68 -12.92
N PRO A 303 7.40 -38.17 -12.77
CA PRO A 303 6.43 -38.89 -11.95
C PRO A 303 6.10 -40.19 -12.67
N ARG A 304 5.72 -41.19 -11.89
CA ARG A 304 5.18 -42.41 -12.46
C ARG A 304 3.80 -42.69 -11.90
N THR A 305 2.88 -43.11 -12.77
CA THR A 305 1.54 -43.50 -12.36
C THR A 305 1.58 -44.52 -11.22
N ILE A 306 0.79 -44.30 -10.18
CA ILE A 306 0.78 -45.23 -9.05
C ILE A 306 -0.01 -46.47 -9.42
N SER A 307 0.60 -47.63 -9.16
CA SER A 307 0.02 -48.95 -9.45
C SER A 307 0.22 -49.81 -8.22
N ASP A 308 -0.46 -50.96 -8.18
CA ASP A 308 -0.21 -51.92 -7.10
C ASP A 308 1.25 -52.41 -7.01
N GLN A 309 1.98 -52.42 -8.12
CA GLN A 309 3.37 -52.91 -8.16
CA GLN A 309 3.34 -52.93 -8.15
C GLN A 309 4.40 -51.89 -7.75
N ASN A 310 4.01 -50.62 -7.72
CA ASN A 310 4.96 -49.60 -7.30
C ASN A 310 4.51 -48.84 -6.04
N VAL A 311 3.28 -49.05 -5.60
CA VAL A 311 2.73 -48.16 -4.55
C VAL A 311 3.55 -48.25 -3.25
N ALA A 312 4.08 -49.44 -2.92
CA ALA A 312 4.86 -49.57 -1.67
C ALA A 312 6.13 -48.75 -1.76
N ALA A 313 6.86 -48.83 -2.87
CA ALA A 313 8.08 -48.10 -3.06
C ALA A 313 7.80 -46.60 -3.15
N ARG A 314 6.76 -46.23 -3.89
CA ARG A 314 6.39 -44.81 -4.03
C ARG A 314 5.99 -44.24 -2.67
N SER A 315 5.20 -44.98 -1.91
CA SER A 315 4.79 -44.56 -0.55
C SER A 315 5.98 -44.42 0.38
N ASP A 316 6.94 -45.35 0.31
CA ASP A 316 8.10 -45.23 1.14
CA ASP A 316 8.23 -45.27 1.04
C ASP A 316 8.84 -43.90 0.85
N LEU A 317 9.01 -43.55 -0.43
CA LEU A 317 9.70 -42.32 -0.81
C LEU A 317 8.95 -41.08 -0.32
N LEU A 318 7.62 -41.12 -0.47
CA LEU A 318 6.78 -39.95 -0.13
C LEU A 318 6.69 -39.75 1.37
N VAL A 319 6.45 -40.83 2.12
CA VAL A 319 6.34 -40.74 3.58
C VAL A 319 7.67 -40.28 4.16
N ASP A 320 8.77 -40.75 3.57
CA ASP A 320 10.10 -40.29 3.93
C ASP A 320 10.19 -38.77 3.85
N GLN A 321 9.79 -38.20 2.72
CA GLN A 321 9.77 -36.72 2.58
C GLN A 321 8.89 -36.05 3.65
N TRP A 322 7.69 -36.57 3.83
CA TRP A 322 6.78 -36.01 4.81
C TRP A 322 7.37 -36.01 6.20
N LYS A 323 7.98 -37.13 6.60
CA LYS A 323 8.53 -37.21 7.96
C LYS A 323 9.71 -36.29 8.13
N LYS A 324 10.47 -36.06 7.07
CA LYS A 324 11.52 -35.04 7.13
C LYS A 324 10.94 -33.62 7.31
N LYS A 325 9.95 -33.27 6.49
CA LYS A 325 9.30 -31.98 6.65
C LYS A 325 8.75 -31.83 8.07
N ALA A 326 8.15 -32.90 8.60
CA ALA A 326 7.53 -32.85 9.94
C ALA A 326 8.54 -32.57 11.04
N GLU A 327 9.80 -32.88 10.78
CA GLU A 327 10.86 -32.60 11.77
C GLU A 327 11.04 -31.12 12.03
N LEU A 328 10.58 -30.29 11.09
CA LEU A 328 10.76 -28.84 11.18
C LEU A 328 9.69 -28.16 12.01
N TYR A 329 8.69 -28.91 12.46
CA TYR A 329 7.52 -28.36 13.14
C TYR A 329 7.27 -29.11 14.45
N ARG A 330 6.44 -28.55 15.32
CA ARG A 330 6.32 -29.02 16.70
C ARG A 330 5.20 -30.00 16.96
N THR A 331 4.24 -30.11 16.05
CA THR A 331 3.14 -31.06 16.29
C THR A 331 3.24 -32.28 15.39
N ASN A 332 2.28 -33.20 15.54
CA ASN A 332 2.18 -34.38 14.67
C ASN A 332 1.17 -34.17 13.55
N VAL A 333 0.93 -32.90 13.20
CA VAL A 333 -0.03 -32.54 12.15
C VAL A 333 0.78 -31.83 11.10
N LEU A 334 0.78 -32.31 9.85
CA LEU A 334 1.64 -31.80 8.80
C LEU A 334 0.81 -31.23 7.64
N LEU A 335 1.20 -30.05 7.18
CA LEU A 335 0.56 -29.38 6.04
C LEU A 335 1.36 -29.65 4.77
N ILE A 336 0.70 -30.22 3.76
CA ILE A 336 1.29 -30.48 2.45
C ILE A 336 0.43 -29.78 1.38
N PRO A 337 0.79 -28.54 1.02
CA PRO A 337 0.11 -27.92 -0.13
C PRO A 337 0.32 -28.71 -1.40
N LEU A 338 -0.69 -28.78 -2.26
CA LEU A 338 -0.60 -29.49 -3.55
C LEU A 338 -1.12 -28.58 -4.66
N GLY A 339 -0.23 -27.81 -5.26
CA GLY A 339 -0.68 -26.88 -6.30
C GLY A 339 0.45 -26.05 -6.85
N ASP A 340 0.09 -25.12 -7.75
CA ASP A 340 1.03 -24.27 -8.46
C ASP A 340 0.15 -23.26 -9.24
N ASP A 341 0.79 -22.49 -10.09
CA ASP A 341 0.13 -21.38 -10.77
C ASP A 341 -0.90 -21.92 -11.74
N PHE A 342 -2.12 -21.41 -11.66
CA PHE A 342 -3.21 -21.76 -12.58
C PHE A 342 -3.33 -23.28 -12.76
N ARG A 343 -3.16 -24.02 -11.67
CA ARG A 343 -3.38 -25.46 -11.69
C ARG A 343 -4.85 -25.83 -11.59
N PHE A 344 -5.09 -27.12 -11.80
CA PHE A 344 -6.43 -27.69 -11.73
C PHE A 344 -7.37 -27.12 -12.77
N LYS A 345 -6.85 -26.98 -13.99
CA LYS A 345 -7.61 -26.47 -15.13
C LYS A 345 -8.30 -27.68 -15.79
N GLN A 346 -7.53 -28.52 -16.43
CA GLN A 346 -8.06 -29.61 -17.25
C GLN A 346 -8.74 -30.70 -16.39
N ASN A 347 -9.84 -31.26 -16.87
CA ASN A 347 -10.43 -32.45 -16.22
C ASN A 347 -9.45 -33.59 -16.06
N THR A 348 -8.61 -33.80 -17.08
CA THR A 348 -7.59 -34.86 -17.00
C THR A 348 -6.59 -34.57 -15.89
N GLU A 349 -6.34 -33.30 -15.58
CA GLU A 349 -5.43 -32.93 -14.51
C GLU A 349 -6.03 -33.20 -13.12
N TRP A 350 -7.30 -32.85 -12.95
CA TRP A 350 -8.01 -33.21 -11.72
C TRP A 350 -7.90 -34.73 -11.49
N ASP A 351 -8.15 -35.51 -12.54
CA ASP A 351 -8.14 -36.98 -12.43
C ASP A 351 -6.77 -37.50 -12.08
N VAL A 352 -5.75 -37.00 -12.77
CA VAL A 352 -4.41 -37.54 -12.60
C VAL A 352 -3.89 -37.26 -11.17
N GLN A 353 -4.16 -36.06 -10.64
CA GLN A 353 -3.71 -35.77 -9.28
C GLN A 353 -4.54 -36.55 -8.26
N ARG A 354 -5.87 -36.50 -8.38
CA ARG A 354 -6.74 -37.15 -7.42
C ARG A 354 -6.52 -38.68 -7.36
N VAL A 355 -6.52 -39.35 -8.51
CA VAL A 355 -6.52 -40.81 -8.48
C VAL A 355 -5.19 -41.33 -7.95
N ASN A 356 -4.09 -40.72 -8.37
CA ASN A 356 -2.77 -41.10 -7.87
C ASN A 356 -2.62 -40.89 -6.35
N TYR A 357 -3.07 -39.75 -5.83
CA TYR A 357 -3.04 -39.52 -4.39
C TYR A 357 -3.97 -40.45 -3.66
N GLU A 358 -5.17 -40.69 -4.18
CA GLU A 358 -6.04 -41.68 -3.52
C GLU A 358 -5.37 -43.06 -3.37
N ARG A 359 -4.61 -43.49 -4.38
CA ARG A 359 -3.95 -44.80 -4.28
C ARG A 359 -2.86 -44.75 -3.21
N LEU A 360 -2.10 -43.65 -3.18
CA LEU A 360 -1.14 -43.46 -2.11
C LEU A 360 -1.78 -43.47 -0.72
N PHE A 361 -2.84 -42.72 -0.51
CA PHE A 361 -3.47 -42.68 0.79
C PHE A 361 -3.97 -44.05 1.22
N GLU A 362 -4.60 -44.79 0.32
CA GLU A 362 -5.14 -46.10 0.69
C GLU A 362 -3.99 -47.01 1.17
N HIS A 363 -2.89 -47.02 0.45
CA HIS A 363 -1.75 -47.83 0.87
C HIS A 363 -1.15 -47.36 2.19
N ILE A 364 -0.82 -46.07 2.26
CA ILE A 364 -0.12 -45.54 3.42
C ILE A 364 -0.96 -45.73 4.66
N ASN A 365 -2.24 -45.44 4.57
CA ASN A 365 -3.10 -45.43 5.75
C ASN A 365 -3.38 -46.85 6.27
N SER A 366 -3.16 -47.84 5.40
CA SER A 366 -3.44 -49.25 5.71
C SER A 366 -2.21 -49.98 6.20
N GLN A 367 -1.03 -49.38 6.04
CA GLN A 367 0.24 -49.98 6.41
C GLN A 367 0.68 -49.42 7.75
N ALA A 368 0.35 -50.16 8.82
CA ALA A 368 0.64 -49.71 10.18
C ALA A 368 2.07 -49.22 10.40
N HIS A 369 3.05 -49.85 9.76
CA HIS A 369 4.46 -49.51 9.95
C HIS A 369 4.79 -48.04 9.62
N PHE A 370 3.97 -47.41 8.77
CA PHE A 370 4.20 -45.99 8.46
C PHE A 370 3.77 -45.08 9.62
N ASN A 371 2.74 -45.50 10.36
CA ASN A 371 2.13 -44.71 11.41
C ASN A 371 1.73 -43.32 10.91
N VAL A 372 1.07 -43.31 9.76
CA VAL A 372 0.62 -42.07 9.12
C VAL A 372 -0.86 -42.19 8.81
N GLN A 373 -1.61 -41.11 8.99
CA GLN A 373 -2.98 -41.01 8.46
C GLN A 373 -2.97 -39.78 7.52
N ALA A 374 -3.08 -39.98 6.21
CA ALA A 374 -3.00 -38.90 5.22
C ALA A 374 -4.31 -38.75 4.49
N GLN A 375 -4.69 -37.50 4.18
CA GLN A 375 -5.96 -37.25 3.49
CA GLN A 375 -5.96 -37.25 3.50
C GLN A 375 -5.91 -35.90 2.81
N PHE A 376 -6.77 -35.70 1.83
CA PHE A 376 -6.99 -34.34 1.35
C PHE A 376 -7.63 -33.55 2.46
N GLY A 377 -7.21 -32.29 2.56
CA GLY A 377 -7.74 -31.42 3.59
C GLY A 377 -7.80 -29.99 3.08
N THR A 378 -8.36 -29.14 3.94
CA THR A 378 -8.34 -27.71 3.73
C THR A 378 -7.39 -27.06 4.73
N LEU A 379 -7.18 -25.77 4.50
CA LEU A 379 -6.31 -25.02 5.38
C LEU A 379 -6.85 -24.93 6.81
N GLN A 380 -8.13 -24.63 6.95
CA GLN A 380 -8.73 -24.57 8.28
C GLN A 380 -8.63 -25.91 9.00
N GLU A 381 -8.79 -27.02 8.28
CA GLU A 381 -8.68 -28.33 8.93
C GLU A 381 -7.27 -28.54 9.48
N TYR A 382 -6.26 -28.14 8.73
CA TYR A 382 -4.90 -28.18 9.24
C TYR A 382 -4.76 -27.40 10.56
N PHE A 383 -5.16 -26.13 10.54
CA PHE A 383 -5.00 -25.32 11.73
C PHE A 383 -5.81 -25.86 12.91
N ASP A 384 -7.03 -26.31 12.64
CA ASP A 384 -7.85 -26.87 13.75
C ASP A 384 -7.11 -28.05 14.40
N ALA A 385 -6.52 -28.90 13.59
CA ALA A 385 -5.80 -30.05 14.12
C ALA A 385 -4.54 -29.64 14.86
N VAL A 386 -3.81 -28.63 14.36
CA VAL A 386 -2.64 -28.13 15.10
C VAL A 386 -3.03 -27.63 16.48
N HIS A 387 -4.12 -26.87 16.54
CA HIS A 387 -4.52 -26.30 17.83
C HIS A 387 -5.10 -27.36 18.79
N GLN A 388 -5.67 -28.41 18.22
CA GLN A 388 -6.10 -29.56 19.06
C GLN A 388 -4.89 -30.19 19.71
N ALA A 389 -3.80 -30.34 18.95
CA ALA A 389 -2.53 -30.88 19.46
C ALA A 389 -1.93 -29.99 20.54
N GLU A 390 -1.98 -28.67 20.32
CA GLU A 390 -1.52 -27.65 21.27
C GLU A 390 -2.29 -27.74 22.57
N ARG A 391 -3.62 -27.82 22.48
CA ARG A 391 -4.46 -27.94 23.68
C ARG A 391 -4.21 -29.27 24.42
N ALA A 392 -3.84 -30.31 23.68
CA ALA A 392 -3.51 -31.60 24.30
C ALA A 392 -2.14 -31.55 25.00
N GLY A 393 -1.51 -30.37 24.99
CA GLY A 393 -0.21 -30.18 25.61
C GLY A 393 0.94 -30.74 24.82
N GLN A 394 0.73 -30.97 23.53
CA GLN A 394 1.79 -31.63 22.76
C GLN A 394 2.82 -30.63 22.20
N ALA A 395 2.48 -29.33 22.24
CA ALA A 395 3.37 -28.29 21.72
C ALA A 395 3.09 -26.93 22.38
N GLU A 396 4.14 -26.13 22.54
CA GLU A 396 3.98 -24.71 22.87
C GLU A 396 4.66 -23.95 21.74
N PHE A 397 4.08 -22.81 21.38
CA PHE A 397 4.60 -22.06 20.25
C PHE A 397 5.34 -20.80 20.68
N PRO A 398 6.41 -20.46 19.99
CA PRO A 398 7.15 -19.22 20.29
C PRO A 398 6.40 -17.98 19.86
N THR A 399 6.75 -16.88 20.49
CA THR A 399 6.23 -15.57 20.13
C THR A 399 7.25 -14.87 19.24
N LEU A 400 6.74 -14.03 18.33
CA LEU A 400 7.61 -13.37 17.36
C LEU A 400 7.08 -11.97 17.09
N SER A 401 8.02 -11.03 16.92
CA SER A 401 7.66 -9.72 16.35
C SER A 401 8.69 -9.33 15.30
N GLY A 402 8.27 -8.43 14.41
CA GLY A 402 9.14 -7.92 13.35
C GLY A 402 8.50 -8.13 12.00
N ASP A 403 9.26 -7.91 10.95
CA ASP A 403 8.77 -8.11 9.58
C ASP A 403 9.67 -9.07 8.84
N PHE A 404 9.34 -9.32 7.58
CA PHE A 404 10.08 -10.24 6.71
C PHE A 404 10.42 -9.56 5.38
N PHE A 405 11.03 -8.38 5.52
CA PHE A 405 11.66 -7.68 4.39
C PHE A 405 13.14 -7.51 4.72
N THR A 406 14.03 -7.47 3.74
CA THR A 406 13.79 -7.66 2.33
C THR A 406 14.02 -9.10 1.91
N TYR A 407 13.08 -9.63 1.16
CA TYR A 407 13.11 -11.01 0.72
C TYR A 407 14.27 -11.25 -0.24
N ALA A 408 14.92 -12.39 -0.07
CA ALA A 408 15.81 -12.95 -1.11
C ALA A 408 15.46 -14.41 -1.27
N ASP A 409 15.29 -14.88 -2.49
CA ASP A 409 14.95 -16.29 -2.72
C ASP A 409 16.19 -17.16 -2.96
N ARG A 410 17.32 -16.52 -3.28
CA ARG A 410 18.57 -17.27 -3.52
C ARG A 410 19.72 -16.26 -3.63
N SER A 411 20.91 -16.74 -3.24
CA SER A 411 22.17 -15.99 -3.32
CA SER A 411 22.14 -15.98 -3.41
C SER A 411 22.00 -14.55 -2.88
N ASP A 412 22.40 -13.57 -3.71
CA ASP A 412 22.27 -12.15 -3.38
C ASP A 412 21.08 -11.50 -4.11
N ASN A 413 20.13 -12.31 -4.56
CA ASN A 413 18.99 -11.80 -5.35
C ASN A 413 17.89 -11.30 -4.37
N TYR A 414 18.08 -10.08 -3.90
CA TYR A 414 17.13 -9.36 -3.02
C TYR A 414 16.08 -8.64 -3.85
N TRP A 415 14.84 -8.81 -3.45
CA TRP A 415 13.71 -8.29 -4.22
C TRP A 415 13.37 -6.89 -3.74
N SER A 416 14.31 -5.96 -3.85
CA SER A 416 14.04 -4.58 -3.47
C SER A 416 13.73 -3.71 -4.70
N GLY A 417 13.83 -4.26 -5.90
CA GLY A 417 13.52 -3.46 -7.10
C GLY A 417 12.05 -3.09 -7.15
N TYR A 418 11.17 -4.02 -6.77
CA TYR A 418 9.73 -3.75 -6.91
C TYR A 418 9.21 -2.74 -5.90
N TYR A 419 10.06 -2.30 -4.97
CA TYR A 419 9.66 -1.19 -4.11
C TYR A 419 9.52 0.12 -4.93
N THR A 420 10.08 0.12 -6.15
CA THR A 420 10.07 1.31 -7.02
C THR A 420 9.46 1.08 -8.39
N SER A 421 9.49 -0.15 -8.90
CA SER A 421 9.10 -0.38 -10.29
C SER A 421 7.74 0.21 -10.61
N ARG A 422 7.66 0.82 -11.80
CA ARG A 422 6.40 1.45 -12.29
C ARG A 422 5.89 2.49 -11.28
N PRO A 423 6.70 3.48 -10.98
CA PRO A 423 6.34 4.44 -9.93
C PRO A 423 5.15 5.33 -10.31
N TYR A 424 4.82 5.52 -11.59
CA TYR A 424 3.65 6.30 -11.95
C TYR A 424 2.44 5.66 -11.29
N HIS A 425 2.33 4.33 -11.37
CA HIS A 425 1.12 3.65 -10.87
C HIS A 425 1.13 3.51 -9.37
N LYS A 426 2.32 3.43 -8.76
CA LYS A 426 2.43 3.52 -7.30
C LYS A 426 1.88 4.84 -6.80
N ARG A 427 2.20 5.94 -7.48
CA ARG A 427 1.68 7.21 -7.09
C ARG A 427 0.15 7.26 -7.31
N MET A 428 -0.30 6.76 -8.45
CA MET A 428 -1.72 6.73 -8.75
C MET A 428 -2.51 5.96 -7.68
N ASP A 429 -1.94 4.89 -7.13
CA ASP A 429 -2.57 4.13 -6.05
C ASP A 429 -2.93 5.05 -4.89
N ARG A 430 -1.99 5.92 -4.50
CA ARG A 430 -2.23 6.79 -3.34
C ARG A 430 -3.28 7.87 -3.65
N VAL A 431 -3.28 8.36 -4.88
CA VAL A 431 -4.31 9.33 -5.30
C VAL A 431 -5.69 8.67 -5.23
N LEU A 432 -5.82 7.49 -5.83
CA LEU A 432 -7.11 6.81 -5.84
C LEU A 432 -7.51 6.39 -4.42
N MET A 433 -6.54 6.01 -3.57
CA MET A 433 -6.86 5.69 -2.18
C MET A 433 -7.64 6.81 -1.53
N HIS A 434 -7.16 8.03 -1.71
CA HIS A 434 -7.80 9.19 -1.09
C HIS A 434 -9.15 9.50 -1.73
N TYR A 435 -9.22 9.40 -3.05
N TYR A 435 -9.24 9.41 -3.05
CA TYR A 435 -10.46 9.64 -3.78
CA TYR A 435 -10.51 9.70 -3.70
C TYR A 435 -11.56 8.70 -3.32
C TYR A 435 -11.61 8.68 -3.38
N VAL A 436 -11.23 7.42 -3.16
CA VAL A 436 -12.21 6.42 -2.70
C VAL A 436 -12.69 6.84 -1.30
N ARG A 437 -11.77 7.14 -0.38
CA ARG A 437 -12.19 7.56 0.96
C ARG A 437 -13.12 8.77 0.88
N ALA A 438 -12.74 9.79 0.09
CA ALA A 438 -13.50 11.03 0.04
C ALA A 438 -14.87 10.78 -0.60
N ALA A 439 -14.95 9.95 -1.63
CA ALA A 439 -16.23 9.68 -2.29
C ALA A 439 -17.15 8.92 -1.35
N GLU A 440 -16.62 7.91 -0.64
CA GLU A 440 -17.45 7.17 0.27
C GLU A 440 -17.93 8.05 1.42
N MET A 441 -17.05 8.90 1.94
CA MET A 441 -17.41 9.75 3.04
C MET A 441 -18.43 10.84 2.64
N LEU A 442 -18.18 11.55 1.55
CA LEU A 442 -19.07 12.62 1.12
C LEU A 442 -20.46 12.09 0.83
N SER A 443 -20.55 10.90 0.23
CA SER A 443 -21.87 10.37 -0.14
C SER A 443 -22.54 9.65 1.02
N ALA A 444 -21.83 9.36 2.09
CA ALA A 444 -22.39 8.64 3.25
C ALA A 444 -23.40 9.47 4.01
N TRP A 445 -23.29 10.79 3.92
CA TRP A 445 -24.14 11.67 4.72
C TRP A 445 -25.63 11.54 4.35
N HIS A 446 -25.94 11.14 3.12
CA HIS A 446 -27.32 10.97 2.71
C HIS A 446 -27.57 9.56 2.22
N SER A 447 -28.85 9.20 2.22
CA SER A 447 -29.37 8.09 1.48
CA SER A 447 -29.36 8.08 1.45
C SER A 447 -29.63 8.55 0.03
N TRP A 448 -29.29 7.75 -0.96
CA TRP A 448 -29.47 8.14 -2.35
C TRP A 448 -30.44 7.25 -3.05
N ASP A 449 -31.27 7.84 -3.91
CA ASP A 449 -32.10 7.08 -4.83
C ASP A 449 -31.27 6.17 -5.72
N GLY A 450 -31.78 4.98 -6.03
CA GLY A 450 -31.09 4.10 -6.98
C GLY A 450 -30.71 4.75 -8.29
N MET A 451 -31.51 5.70 -8.77
CA MET A 451 -31.26 6.35 -10.03
C MET A 451 -29.98 7.18 -10.02
N ALA A 452 -29.49 7.52 -8.82
CA ALA A 452 -28.29 8.32 -8.69
C ALA A 452 -27.02 7.49 -8.97
N ARG A 453 -27.15 6.15 -8.94
CA ARG A 453 -26.01 5.25 -9.30
C ARG A 453 -24.83 5.46 -8.35
N ILE A 454 -25.09 5.87 -7.12
CA ILE A 454 -23.98 6.12 -6.18
C ILE A 454 -23.34 4.79 -5.79
N GLU A 455 -24.13 3.82 -5.36
CA GLU A 455 -23.56 2.52 -4.94
C GLU A 455 -22.85 1.86 -6.09
N GLU A 456 -23.38 1.96 -7.29
CA GLU A 456 -22.76 1.39 -8.46
C GLU A 456 -21.36 1.98 -8.69
N ARG A 457 -21.26 3.29 -8.71
CA ARG A 457 -19.96 3.96 -8.94
C ARG A 457 -18.96 3.66 -7.82
N LEU A 458 -19.43 3.61 -6.59
CA LEU A 458 -18.51 3.36 -5.47
C LEU A 458 -18.03 1.92 -5.48
N GLU A 459 -18.90 0.98 -5.87
CA GLU A 459 -18.46 -0.42 -5.94
C GLU A 459 -17.41 -0.57 -7.03
N GLN A 460 -17.60 0.07 -8.16
CA GLN A 460 -16.60 0.03 -9.24
C GLN A 460 -15.26 0.59 -8.73
N ALA A 461 -15.30 1.76 -8.09
CA ALA A 461 -14.07 2.38 -7.62
C ALA A 461 -13.37 1.50 -6.58
N ARG A 462 -14.12 0.96 -5.64
CA ARG A 462 -13.49 0.11 -4.62
C ARG A 462 -12.86 -1.11 -5.27
N ARG A 463 -13.53 -1.68 -6.26
CA ARG A 463 -13.03 -2.93 -6.84
C ARG A 463 -11.81 -2.69 -7.72
N GLU A 464 -11.72 -1.58 -8.44
CA GLU A 464 -10.55 -1.35 -9.27
C GLU A 464 -9.35 -1.04 -8.37
N LEU A 465 -9.55 -0.27 -7.30
CA LEU A 465 -8.41 0.00 -6.40
C LEU A 465 -8.01 -1.29 -5.70
N SER A 466 -9.00 -2.09 -5.29
CA SER A 466 -8.71 -3.37 -4.66
C SER A 466 -7.92 -4.31 -5.55
N LEU A 467 -8.27 -4.37 -6.82
CA LEU A 467 -7.60 -5.24 -7.77
C LEU A 467 -6.12 -4.84 -7.82
N PHE A 468 -5.85 -3.54 -7.82
CA PHE A 468 -4.46 -3.08 -7.99
C PHE A 468 -3.59 -3.40 -6.78
N GLN A 469 -4.18 -3.74 -5.65
CA GLN A 469 -3.37 -4.19 -4.52
C GLN A 469 -2.69 -5.54 -4.76
N HIS A 470 -3.09 -6.25 -5.82
CA HIS A 470 -2.48 -7.50 -6.16
C HIS A 470 -0.96 -7.41 -6.15
N HIS A 471 -0.29 -8.53 -5.81
CA HIS A 471 1.18 -8.57 -5.77
C HIS A 471 1.88 -8.54 -7.14
N ASP A 472 1.12 -8.40 -8.24
CA ASP A 472 1.72 -7.96 -9.51
C ASP A 472 1.13 -6.63 -10.00
N GLY A 473 0.34 -5.94 -9.19
CA GLY A 473 -0.30 -4.70 -9.58
C GLY A 473 0.59 -3.56 -9.08
N ILE A 474 0.33 -3.10 -7.85
CA ILE A 474 1.09 -1.99 -7.26
C ILE A 474 2.61 -2.25 -7.26
N THR A 475 3.00 -3.51 -7.25
CA THR A 475 4.43 -3.89 -7.25
C THR A 475 5.15 -3.52 -8.54
N GLY A 476 4.42 -3.26 -9.63
CA GLY A 476 5.09 -2.91 -10.88
C GLY A 476 5.78 -4.11 -11.54
N THR A 477 5.25 -5.32 -11.33
CA THR A 477 5.86 -6.53 -11.86
C THR A 477 5.02 -7.19 -12.93
N ALA A 478 4.10 -6.45 -13.58
CA ALA A 478 3.29 -7.04 -14.64
C ALA A 478 3.79 -6.63 -16.03
N LYS A 479 3.33 -7.36 -17.04
CA LYS A 479 3.68 -6.98 -18.42
C LYS A 479 3.08 -5.62 -18.76
N THR A 480 3.71 -4.96 -19.73
CA THR A 480 3.28 -3.63 -20.13
C THR A 480 1.80 -3.49 -20.39
N HIS A 481 1.20 -4.41 -21.17
CA HIS A 481 -0.22 -4.25 -21.48
C HIS A 481 -1.11 -4.49 -20.27
N VAL A 482 -0.60 -5.22 -19.30
CA VAL A 482 -1.34 -5.46 -18.07
C VAL A 482 -1.27 -4.21 -17.18
N VAL A 483 -0.11 -3.55 -17.09
CA VAL A 483 -0.03 -2.28 -16.41
C VAL A 483 -1.01 -1.27 -17.01
N VAL A 484 -1.09 -1.25 -18.34
CA VAL A 484 -2.05 -0.40 -19.03
C VAL A 484 -3.48 -0.71 -18.62
N ASP A 485 -3.84 -1.97 -18.54
CA ASP A 485 -5.14 -2.37 -18.04
C ASP A 485 -5.41 -1.86 -16.62
N TYR A 486 -4.47 -2.02 -15.71
CA TYR A 486 -4.64 -1.52 -14.35
C TYR A 486 -4.84 -0.01 -14.35
N GLU A 487 -4.06 0.68 -15.16
CA GLU A 487 -4.13 2.15 -15.23
C GLU A 487 -5.50 2.59 -15.75
N GLN A 488 -5.99 1.95 -16.81
CA GLN A 488 -7.32 2.28 -17.36
C GLN A 488 -8.40 2.02 -16.34
N ARG A 489 -8.31 0.91 -15.62
CA ARG A 489 -9.27 0.60 -14.57
C ARG A 489 -9.24 1.67 -13.48
N MET A 490 -8.05 2.09 -13.05
CA MET A 490 -7.95 3.12 -12.02
C MET A 490 -8.44 4.48 -12.52
N GLN A 491 -8.23 4.76 -13.80
CA GLN A 491 -8.76 6.02 -14.36
C GLN A 491 -10.29 6.05 -14.33
N GLU A 492 -10.90 4.92 -14.66
CA GLU A 492 -12.35 4.82 -14.57
C GLU A 492 -12.79 4.98 -13.13
N ALA A 493 -12.04 4.40 -12.19
CA ALA A 493 -12.37 4.53 -10.77
C ALA A 493 -12.27 6.00 -10.30
N LEU A 494 -11.26 6.74 -10.76
CA LEU A 494 -11.14 8.17 -10.42
C LEU A 494 -12.34 8.93 -10.95
N LYS A 495 -12.79 8.64 -12.16
CA LYS A 495 -13.97 9.32 -12.72
C LYS A 495 -15.21 8.98 -11.91
N ALA A 496 -15.32 7.73 -11.47
CA ALA A 496 -16.44 7.34 -10.64
C ALA A 496 -16.45 8.13 -9.32
N CYS A 497 -15.28 8.23 -8.69
CA CYS A 497 -15.15 8.99 -7.44
C CYS A 497 -15.50 10.45 -7.65
N GLN A 498 -15.02 11.03 -8.73
CA GLN A 498 -15.33 12.42 -9.01
C GLN A 498 -16.83 12.61 -9.14
N MET A 499 -17.50 11.73 -9.85
CA MET A 499 -18.95 11.85 -10.06
C MET A 499 -19.69 11.83 -8.72
N VAL A 500 -19.33 10.87 -7.88
CA VAL A 500 -20.01 10.71 -6.61
C VAL A 500 -19.71 11.93 -5.73
N MET A 501 -18.45 12.36 -5.69
CA MET A 501 -18.06 13.50 -4.86
C MET A 501 -18.81 14.75 -5.26
N GLN A 502 -18.88 15.03 -6.55
CA GLN A 502 -19.43 16.33 -6.96
C GLN A 502 -20.97 16.32 -6.81
N GLN A 503 -21.62 15.19 -7.02
CA GLN A 503 -23.07 15.11 -6.70
C GLN A 503 -23.29 15.35 -5.23
N SER A 504 -22.42 14.77 -4.39
CA SER A 504 -22.56 14.90 -2.95
C SER A 504 -22.38 16.36 -2.48
N VAL A 505 -21.37 17.03 -3.01
CA VAL A 505 -21.11 18.43 -2.65
C VAL A 505 -22.35 19.28 -3.04
N TYR A 506 -22.85 19.07 -4.23
CA TYR A 506 -24.00 19.86 -4.65
C TYR A 506 -25.18 19.64 -3.68
N ARG A 507 -25.43 18.40 -3.28
CA ARG A 507 -26.51 18.14 -2.34
C ARG A 507 -26.25 18.75 -0.95
N LEU A 508 -25.03 18.67 -0.48
CA LEU A 508 -24.73 19.11 0.87
C LEU A 508 -24.74 20.62 1.03
N LEU A 509 -24.54 21.33 -0.08
CA LEU A 509 -24.37 22.78 -0.04
C LEU A 509 -25.46 23.53 -0.82
N THR A 510 -26.59 22.90 -1.13
CA THR A 510 -27.69 23.62 -1.80
C THR A 510 -28.93 23.57 -0.90
N LYS A 511 -29.60 24.72 -0.80
CA LYS A 511 -30.82 24.82 0.01
C LYS A 511 -31.75 23.69 -0.39
N PRO A 512 -32.22 22.92 0.59
CA PRO A 512 -32.98 21.71 0.27
C PRO A 512 -34.22 21.91 -0.63
N SER A 513 -34.96 23.01 -0.44
CA SER A 513 -36.16 23.24 -1.28
C SER A 513 -35.83 23.71 -2.70
N ILE A 514 -34.54 23.93 -2.98
CA ILE A 514 -34.06 24.36 -4.30
C ILE A 514 -33.36 23.20 -5.04
N TYR A 515 -32.74 22.32 -4.27
CA TYR A 515 -31.97 21.19 -4.82
C TYR A 515 -32.77 20.40 -5.87
N SER A 516 -32.24 20.35 -7.10
CA SER A 516 -32.94 19.73 -8.23
C SER A 516 -31.96 18.91 -9.10
N PRO A 517 -31.49 17.78 -8.59
CA PRO A 517 -30.37 17.10 -9.23
C PRO A 517 -30.69 16.39 -10.53
N ASP A 518 -29.78 16.52 -11.50
CA ASP A 518 -29.69 15.63 -12.63
C ASP A 518 -28.48 14.75 -12.29
N PHE A 519 -28.73 13.47 -12.09
CA PHE A 519 -27.67 12.58 -11.59
C PHE A 519 -26.57 12.27 -12.59
N SER A 520 -26.75 12.71 -13.84
CA SER A 520 -25.74 12.56 -14.88
C SER A 520 -24.90 13.84 -15.10
N PHE A 521 -25.32 14.95 -14.49
CA PHE A 521 -24.72 16.27 -14.74
C PHE A 521 -23.49 16.54 -13.86
N SER A 522 -22.53 17.29 -14.40
CA SER A 522 -21.36 17.73 -13.65
C SER A 522 -21.60 19.11 -13.04
N TYR A 523 -22.03 19.15 -11.80
CA TYR A 523 -22.17 20.42 -11.06
C TYR A 523 -20.82 21.03 -10.70
N PHE A 524 -19.84 20.18 -10.44
CA PHE A 524 -18.48 20.60 -10.12
C PHE A 524 -17.52 19.71 -10.84
N THR A 525 -16.37 20.27 -11.14
CA THR A 525 -15.24 19.41 -11.52
C THR A 525 -14.16 19.49 -10.46
N LEU A 526 -13.48 18.37 -10.24
CA LEU A 526 -12.37 18.36 -9.31
C LEU A 526 -11.17 19.06 -9.94
N ASP A 527 -10.41 19.75 -9.11
CA ASP A 527 -9.16 20.37 -9.51
C ASP A 527 -8.10 19.74 -8.64
N ASP A 528 -7.12 19.08 -9.26
CA ASP A 528 -6.08 18.45 -8.47
C ASP A 528 -4.73 18.99 -8.95
N SER A 529 -4.00 19.64 -8.06
CA SER A 529 -2.73 20.27 -8.41
C SER A 529 -1.57 19.31 -8.46
N ARG A 530 -1.73 18.08 -7.98
CA ARG A 530 -0.60 17.17 -7.86
C ARG A 530 -0.81 15.85 -8.52
N TRP A 531 -1.89 15.69 -9.27
CA TRP A 531 -2.08 14.46 -10.03
C TRP A 531 -2.90 14.76 -11.28
N PRO A 532 -2.47 14.33 -12.47
CA PRO A 532 -1.17 13.68 -12.73
C PRO A 532 0.02 14.60 -12.51
N GLY A 533 -0.25 15.90 -12.44
CA GLY A 533 0.81 16.85 -12.14
C GLY A 533 1.22 17.70 -13.30
N SER A 534 1.74 18.87 -12.92
CA SER A 534 2.34 19.81 -13.86
C SER A 534 3.47 19.12 -14.56
N GLY A 535 3.44 19.17 -15.88
CA GLY A 535 4.48 18.53 -16.67
C GLY A 535 4.21 17.06 -16.95
N VAL A 536 3.14 16.52 -16.37
CA VAL A 536 2.77 15.13 -16.64
C VAL A 536 1.59 15.12 -17.61
N GLU A 537 0.52 15.81 -17.24
CA GLU A 537 -0.66 15.95 -18.09
C GLU A 537 -1.21 17.36 -17.92
N ASP A 538 -1.57 17.99 -19.04
CA ASP A 538 -2.29 19.25 -18.98
C ASP A 538 -3.76 18.90 -18.76
N SER A 539 -4.17 18.80 -17.51
CA SER A 539 -5.51 18.31 -17.19
C SER A 539 -6.37 19.33 -16.46
N ARG A 540 -5.71 20.31 -15.83
CA ARG A 540 -6.41 21.28 -14.97
C ARG A 540 -7.21 22.25 -15.79
N THR A 541 -8.43 22.55 -15.32
CA THR A 541 -9.22 23.55 -15.99
C THR A 541 -8.86 24.92 -15.42
N THR A 542 -8.84 25.90 -16.31
CA THR A 542 -8.70 27.29 -15.93
C THR A 542 -10.09 27.86 -15.63
N ILE A 543 -10.18 28.60 -14.54
CA ILE A 543 -11.38 29.35 -14.23
C ILE A 543 -11.34 30.61 -15.10
N ILE A 544 -12.29 30.66 -16.03
CA ILE A 544 -12.33 31.74 -17.03
C ILE A 544 -13.31 32.82 -16.56
N LEU A 545 -12.71 33.94 -16.21
CA LEU A 545 -13.45 35.10 -15.75
C LEU A 545 -13.21 36.26 -16.72
N GLY A 546 -14.14 37.19 -16.76
CA GLY A 546 -14.01 38.32 -17.65
C GLY A 546 -15.24 39.18 -17.57
N GLU A 547 -15.04 40.48 -17.73
CA GLU A 547 -16.14 41.44 -17.65
C GLU A 547 -17.26 41.14 -18.64
N ASP A 548 -16.89 40.61 -19.81
CA ASP A 548 -17.87 40.32 -20.85
C ASP A 548 -18.28 38.85 -20.89
N ILE A 549 -17.98 38.11 -19.82
CA ILE A 549 -18.38 36.70 -19.78
C ILE A 549 -18.87 36.22 -18.42
N LEU A 550 -18.11 36.52 -17.37
CA LEU A 550 -18.40 35.94 -16.07
C LEU A 550 -17.54 36.60 -15.02
N PRO A 551 -18.16 37.26 -14.07
CA PRO A 551 -17.36 38.05 -13.13
C PRO A 551 -16.77 37.22 -11.99
N SER A 552 -17.40 36.11 -11.63
CA SER A 552 -16.99 35.37 -10.45
C SER A 552 -17.28 33.88 -10.56
N LYS A 553 -16.64 33.12 -9.70
CA LYS A 553 -16.77 31.65 -9.65
C LYS A 553 -16.71 31.15 -8.20
N HIS A 554 -17.67 30.29 -7.85
CA HIS A 554 -17.61 29.54 -6.59
C HIS A 554 -16.72 28.30 -6.70
N VAL A 555 -15.92 28.12 -5.64
CA VAL A 555 -15.11 26.91 -5.45
C VAL A 555 -15.44 26.38 -4.06
N VAL A 556 -15.30 25.05 -3.89
CA VAL A 556 -15.60 24.38 -2.61
C VAL A 556 -14.42 23.47 -2.28
N MET A 557 -14.01 23.51 -1.03
CA MET A 557 -13.01 22.57 -0.51
C MET A 557 -13.64 21.57 0.43
N HIS A 558 -13.20 20.31 0.32
CA HIS A 558 -13.58 19.24 1.25
C HIS A 558 -12.41 18.80 2.09
N ASN A 559 -12.67 18.55 3.37
CA ASN A 559 -11.65 18.08 4.28
C ASN A 559 -12.09 16.74 4.85
N THR A 560 -11.48 15.64 4.40
CA THR A 560 -11.91 14.33 4.87
C THR A 560 -11.45 14.02 6.29
N LEU A 561 -10.49 14.77 6.83
CA LEU A 561 -9.97 14.51 8.18
C LEU A 561 -10.90 15.07 9.24
N PRO A 562 -10.97 14.39 10.40
CA PRO A 562 -11.90 14.82 11.46
C PRO A 562 -11.37 15.90 12.38
N HIS A 563 -10.67 16.89 11.83
CA HIS A 563 -10.29 18.06 12.61
C HIS A 563 -10.34 19.24 11.67
N TRP A 564 -10.57 20.44 12.19
CA TRP A 564 -10.47 21.67 11.37
C TRP A 564 -9.12 21.72 10.72
N ARG A 565 -9.12 22.11 9.45
CA ARG A 565 -7.87 22.21 8.74
C ARG A 565 -7.82 23.51 7.96
N GLU A 566 -6.68 24.17 8.06
CA GLU A 566 -6.32 25.20 7.12
C GLU A 566 -5.22 24.65 6.21
N GLN A 567 -5.26 25.05 4.94
CA GLN A 567 -4.29 24.57 3.97
C GLN A 567 -4.37 25.58 2.82
N LEU A 568 -3.21 25.94 2.29
CA LEU A 568 -3.21 26.68 1.02
C LEU A 568 -3.74 25.82 -0.10
N VAL A 569 -4.57 26.41 -0.93
CA VAL A 569 -5.11 25.78 -2.12
C VAL A 569 -4.86 26.70 -3.31
N ASP A 570 -4.71 26.11 -4.48
CA ASP A 570 -4.47 26.92 -5.68
C ASP A 570 -5.38 26.54 -6.81
N PHE A 571 -5.72 27.53 -7.63
CA PHE A 571 -6.51 27.33 -8.83
C PHE A 571 -5.86 28.08 -10.00
N TYR A 572 -6.10 27.62 -11.21
CA TYR A 572 -5.70 28.39 -12.39
C TYR A 572 -6.83 29.33 -12.74
N VAL A 573 -6.48 30.57 -13.07
CA VAL A 573 -7.46 31.61 -13.43
C VAL A 573 -6.96 32.35 -14.66
N SER A 574 -7.91 32.91 -15.42
CA SER A 574 -7.57 33.54 -16.72
C SER A 574 -7.11 34.97 -16.60
N SER A 575 -7.05 35.50 -15.38
CA SER A 575 -6.55 36.86 -15.13
C SER A 575 -5.77 36.91 -13.83
N PRO A 576 -4.77 37.78 -13.74
CA PRO A 576 -4.07 37.96 -12.47
C PRO A 576 -4.83 38.82 -11.46
N PHE A 577 -5.87 39.51 -11.91
CA PHE A 577 -6.58 40.47 -11.07
C PHE A 577 -7.81 39.80 -10.48
N VAL A 578 -7.55 38.93 -9.49
CA VAL A 578 -8.59 38.11 -8.90
C VAL A 578 -8.50 38.23 -7.39
N SER A 579 -9.64 38.35 -6.76
CA SER A 579 -9.66 38.35 -5.31
C SER A 579 -10.57 37.26 -4.78
N VAL A 580 -10.34 36.90 -3.54
CA VAL A 580 -11.03 35.78 -2.91
C VAL A 580 -11.84 36.30 -1.72
N THR A 581 -13.08 35.79 -1.61
CA THR A 581 -13.92 36.00 -0.43
C THR A 581 -14.47 34.67 0.07
N ASP A 582 -14.83 34.60 1.34
CA ASP A 582 -15.63 33.48 1.83
C ASP A 582 -17.12 33.73 1.56
N LEU A 583 -18.03 32.85 1.96
CA LEU A 583 -19.41 33.12 1.55
C LEU A 583 -20.11 34.18 2.42
N ALA A 584 -19.42 34.66 3.47
CA ALA A 584 -19.92 35.85 4.18
C ALA A 584 -19.30 37.12 3.59
N ASN A 585 -18.62 36.96 2.46
CA ASN A 585 -18.05 38.09 1.73
C ASN A 585 -16.86 38.72 2.48
N ASN A 586 -16.29 37.99 3.43
CA ASN A 586 -15.05 38.43 4.09
C ASN A 586 -13.89 38.24 3.12
N PRO A 587 -13.06 39.27 2.91
CA PRO A 587 -11.90 39.09 2.02
C PRO A 587 -10.94 38.03 2.59
N VAL A 588 -10.26 37.31 1.69
CA VAL A 588 -9.30 36.30 2.08
C VAL A 588 -8.00 36.68 1.38
N GLU A 589 -6.90 36.72 2.11
CA GLU A 589 -5.61 37.08 1.53
C GLU A 589 -5.23 36.05 0.49
N ALA A 590 -4.75 36.49 -0.66
CA ALA A 590 -4.42 35.60 -1.76
C ALA A 590 -3.09 36.02 -2.37
N GLN A 591 -2.46 35.10 -3.06
CA GLN A 591 -1.22 35.35 -3.79
C GLN A 591 -1.40 34.85 -5.20
N VAL A 592 -0.99 35.65 -6.19
CA VAL A 592 -1.00 35.20 -7.57
C VAL A 592 0.44 35.01 -8.03
N SER A 593 0.67 33.91 -8.73
CA SER A 593 1.97 33.53 -9.30
C SER A 593 1.75 33.15 -10.74
N PRO A 594 2.81 33.16 -11.53
CA PRO A 594 2.67 32.66 -12.90
C PRO A 594 2.45 31.14 -12.98
N VAL A 595 2.02 30.65 -14.14
CA VAL A 595 2.00 29.24 -14.40
C VAL A 595 3.26 28.91 -15.18
N TRP A 596 4.18 28.17 -14.56
CA TRP A 596 5.47 27.86 -15.15
C TRP A 596 5.46 26.41 -15.60
N SER A 597 5.92 26.17 -16.81
CA SER A 597 6.14 24.81 -17.28
C SER A 597 7.56 24.69 -17.78
N TRP A 598 8.09 23.48 -17.68
CA TRP A 598 9.47 23.23 -18.04
C TRP A 598 9.55 22.45 -19.35
N HIS A 599 10.51 22.82 -20.16
CA HIS A 599 10.62 22.31 -21.51
C HIS A 599 12.05 21.88 -21.75
N HIS A 600 12.24 20.69 -22.29
CA HIS A 600 13.56 20.36 -22.79
C HIS A 600 13.62 20.93 -24.17
N ASP A 601 14.38 22.01 -24.28
CA ASP A 601 14.52 22.74 -25.53
C ASP A 601 15.53 21.99 -26.41
N THR A 602 15.03 21.30 -27.44
CA THR A 602 15.91 20.54 -28.33
C THR A 602 16.76 21.41 -29.24
N LEU A 603 16.46 22.71 -29.30
CA LEU A 603 17.28 23.68 -30.01
C LEU A 603 18.55 24.00 -29.23
N THR A 604 18.38 24.57 -28.03
CA THR A 604 19.49 25.03 -27.18
C THR A 604 20.10 23.92 -26.31
N LYS A 605 19.45 22.76 -26.25
CA LYS A 605 19.87 21.64 -25.42
C LYS A 605 19.90 22.02 -23.94
N THR A 606 18.88 22.75 -23.52
CA THR A 606 18.75 23.09 -22.10
C THR A 606 17.35 22.75 -21.67
N ILE A 607 17.16 22.65 -20.35
CA ILE A 607 15.84 22.48 -19.75
C ILE A 607 15.49 23.78 -19.02
N HIS A 608 14.41 24.43 -19.43
CA HIS A 608 14.16 25.77 -18.90
C HIS A 608 12.67 26.03 -18.86
N PRO A 609 12.25 26.96 -18.01
CA PRO A 609 10.83 27.22 -17.84
C PRO A 609 10.28 28.28 -18.76
N GLN A 610 9.01 28.10 -19.09
CA GLN A 610 8.24 29.06 -19.85
C GLN A 610 7.01 29.43 -19.03
N GLY A 611 6.68 30.70 -19.02
CA GLY A 611 5.53 31.17 -18.26
C GLY A 611 4.33 31.34 -19.18
N SER A 612 3.15 31.06 -18.65
CA SER A 612 1.93 31.30 -19.42
C SER A 612 1.66 32.78 -19.53
N THR A 613 1.11 33.18 -20.69
CA THR A 613 0.69 34.57 -20.82
C THR A 613 -0.85 34.67 -20.75
N THR A 614 -1.51 33.54 -20.49
CA THR A 614 -2.98 33.48 -20.52
C THR A 614 -3.63 32.97 -19.24
N LYS A 615 -2.85 32.27 -18.41
CA LYS A 615 -3.39 31.76 -17.17
C LYS A 615 -2.39 31.97 -16.04
N TYR A 616 -2.92 32.04 -14.82
CA TYR A 616 -2.17 32.42 -13.63
C TYR A 616 -2.63 31.53 -12.51
N ARG A 617 -1.82 31.40 -11.48
CA ARG A 617 -2.18 30.60 -10.31
C ARG A 617 -2.60 31.52 -9.20
N ILE A 618 -3.77 31.30 -8.60
CA ILE A 618 -4.13 32.01 -7.39
C ILE A 618 -4.09 31.06 -6.23
N ILE A 619 -3.52 31.50 -5.12
CA ILE A 619 -3.30 30.68 -3.92
C ILE A 619 -3.89 31.37 -2.72
N PHE A 620 -4.58 30.65 -1.84
CA PHE A 620 -5.12 31.25 -0.64
C PHE A 620 -5.35 30.16 0.39
N LYS A 621 -5.49 30.56 1.64
CA LYS A 621 -5.74 29.61 2.70
C LYS A 621 -7.21 29.29 2.83
N ALA A 622 -7.54 28.01 2.67
CA ALA A 622 -8.90 27.56 2.92
C ALA A 622 -9.00 27.00 4.32
N ARG A 623 -10.08 27.31 5.01
CA ARG A 623 -10.32 26.80 6.36
C ARG A 623 -11.59 25.97 6.30
N VAL A 624 -11.46 24.70 6.63
CA VAL A 624 -12.51 23.72 6.34
C VAL A 624 -12.85 22.89 7.60
N PRO A 625 -14.15 22.73 7.87
CA PRO A 625 -14.55 21.99 9.08
C PRO A 625 -14.09 20.52 9.06
N PRO A 626 -14.10 19.87 10.21
CA PRO A 626 -13.84 18.41 10.26
C PRO A 626 -14.82 17.69 9.35
N MET A 627 -14.31 16.83 8.48
CA MET A 627 -15.19 16.01 7.60
C MET A 627 -16.22 16.89 6.91
N GLY A 628 -15.78 18.08 6.48
CA GLY A 628 -16.72 19.11 6.05
C GLY A 628 -16.33 19.82 4.77
N LEU A 629 -17.09 20.89 4.47
CA LEU A 629 -16.96 21.64 3.22
C LEU A 629 -16.97 23.13 3.51
N ALA A 630 -16.24 23.88 2.68
CA ALA A 630 -16.20 25.35 2.78
C ALA A 630 -16.20 25.94 1.40
N THR A 631 -17.04 26.95 1.19
CA THR A 631 -17.20 27.61 -0.12
C THR A 631 -16.48 28.97 -0.16
N TYR A 632 -15.82 29.24 -1.28
CA TYR A 632 -15.18 30.53 -1.51
C TYR A 632 -15.58 31.03 -2.89
N VAL A 633 -15.35 32.33 -3.10
CA VAL A 633 -15.68 32.97 -4.37
C VAL A 633 -14.46 33.69 -4.90
N LEU A 634 -14.17 33.48 -6.18
CA LEU A 634 -13.09 34.17 -6.89
C LEU A 634 -13.73 35.19 -7.82
N THR A 635 -13.27 36.46 -7.70
CA THR A 635 -13.90 37.56 -8.45
C THR A 635 -12.82 38.33 -9.22
N ILE A 636 -13.11 38.62 -10.48
CA ILE A 636 -12.15 39.40 -11.28
C ILE A 636 -12.37 40.89 -11.02
N SER A 637 -11.27 41.65 -11.14
CA SER A 637 -11.36 43.11 -11.16
C SER A 637 -10.50 43.68 -12.29
N ASP A 638 -10.61 44.98 -12.56
CA ASP A 638 -9.84 45.58 -13.66
C ASP A 638 -8.37 45.81 -13.31
N SER A 639 -8.07 45.85 -12.02
CA SER A 639 -6.71 46.11 -11.55
C SER A 639 -6.40 45.34 -10.27
N LYS A 640 -5.17 45.47 -9.80
CA LYS A 640 -4.70 44.78 -8.59
C LYS A 640 -5.71 44.93 -7.45
N PRO A 641 -6.26 43.81 -6.99
CA PRO A 641 -7.14 43.80 -5.81
C PRO A 641 -6.41 44.12 -4.52
N GLU A 642 -7.10 44.71 -3.56
CA GLU A 642 -6.50 45.06 -2.28
C GLU A 642 -5.88 43.88 -1.51
N HIS A 643 -6.51 42.71 -1.58
CA HIS A 643 -6.08 41.60 -0.72
C HIS A 643 -5.35 40.49 -1.48
N THR A 644 -4.86 40.81 -2.67
CA THR A 644 -4.10 39.87 -3.47
C THR A 644 -2.71 40.45 -3.70
N SER A 645 -1.67 39.66 -3.42
CA SER A 645 -0.29 40.04 -3.72
C SER A 645 0.26 39.21 -4.85
N TYR A 646 1.41 39.60 -5.41
CA TYR A 646 1.97 38.98 -6.60
C TYR A 646 3.37 38.55 -6.28
N ALA A 647 3.70 37.30 -6.61
CA ALA A 647 5.03 36.79 -6.38
C ALA A 647 6.05 37.48 -7.27
N SER A 648 7.26 37.59 -6.77
CA SER A 648 8.37 37.93 -7.66
C SER A 648 8.95 36.64 -8.26
N ASN A 649 9.65 36.75 -9.38
CA ASN A 649 10.24 35.60 -10.05
C ASN A 649 11.65 35.94 -10.50
N LEU A 650 12.58 35.05 -10.25
CA LEU A 650 14.00 35.26 -10.58
C LEU A 650 14.51 34.04 -11.29
N LEU A 651 14.98 34.18 -12.52
CA LEU A 651 15.50 33.11 -13.30
C LEU A 651 17.03 33.17 -13.27
N LEU A 652 17.67 32.15 -12.74
CA LEU A 652 19.12 32.11 -12.62
C LEU A 652 19.69 31.20 -13.68
N ARG A 653 20.43 31.81 -14.61
CA ARG A 653 21.08 31.11 -15.70
C ARG A 653 21.95 32.14 -16.43
N LYS A 654 23.05 31.69 -16.97
CA LYS A 654 23.81 32.53 -17.89
C LYS A 654 23.08 32.56 -19.23
N ASN A 655 23.20 33.65 -19.97
CA ASN A 655 22.59 33.70 -21.30
C ASN A 655 21.06 33.61 -21.24
N PRO A 656 20.44 34.43 -20.40
CA PRO A 656 18.99 34.38 -20.29
C PRO A 656 18.35 35.03 -21.50
N THR A 657 17.13 34.63 -21.77
CA THR A 657 16.28 35.36 -22.70
C THR A 657 15.03 35.77 -21.94
N SER A 658 14.27 36.68 -22.51
CA SER A 658 13.12 37.26 -21.84
C SER A 658 12.03 36.23 -21.53
N LEU A 659 11.17 36.58 -20.57
CA LEU A 659 10.07 35.71 -20.16
C LEU A 659 8.84 36.57 -19.92
N PRO A 660 8.14 36.91 -21.00
CA PRO A 660 6.93 37.73 -20.87
C PRO A 660 5.82 36.95 -20.15
N LEU A 661 4.95 37.66 -19.45
CA LEU A 661 3.95 36.98 -18.63
C LEU A 661 2.50 37.52 -18.80
N GLY A 662 2.17 38.00 -20.00
CA GLY A 662 0.87 38.62 -20.22
C GLY A 662 0.59 39.78 -19.28
N GLN A 663 -0.56 39.73 -18.61
CA GLN A 663 -0.95 40.81 -17.69
C GLN A 663 -0.29 40.78 -16.32
N TYR A 664 0.51 39.75 -16.06
CA TYR A 664 1.10 39.61 -14.73
C TYR A 664 1.88 40.87 -14.36
N PRO A 665 1.57 41.49 -13.22
CA PRO A 665 2.08 42.84 -12.91
C PRO A 665 3.56 43.01 -12.50
N GLU A 666 4.30 41.92 -12.35
N GLU A 666 4.29 41.92 -12.30
CA GLU A 666 5.69 41.99 -11.87
CA GLU A 666 5.70 41.99 -11.89
C GLU A 666 6.60 41.36 -12.91
C GLU A 666 6.56 41.39 -12.98
N ASP A 667 7.59 42.13 -13.40
CA ASP A 667 8.49 41.62 -14.44
C ASP A 667 9.44 40.57 -13.86
N VAL A 668 9.70 39.50 -14.61
CA VAL A 668 10.70 38.49 -14.23
C VAL A 668 12.09 39.14 -14.18
N LYS A 669 12.86 38.79 -13.16
CA LYS A 669 14.25 39.21 -12.96
C LYS A 669 15.21 38.08 -13.36
N PHE A 670 16.42 38.44 -13.75
CA PHE A 670 17.42 37.48 -14.24
C PHE A 670 18.72 37.63 -13.47
N GLY A 671 19.49 36.57 -13.34
CA GLY A 671 20.81 36.64 -12.74
C GLY A 671 21.63 35.43 -13.09
N ASP A 672 22.94 35.54 -12.84
CA ASP A 672 23.81 34.37 -12.99
C ASP A 672 23.49 33.42 -11.82
N PRO A 673 23.70 32.10 -12.02
CA PRO A 673 23.53 31.15 -10.91
C PRO A 673 24.26 31.63 -9.65
N ARG A 674 23.62 31.45 -8.50
CA ARG A 674 24.17 31.89 -7.22
C ARG A 674 23.43 31.18 -6.10
N GLU A 675 24.07 31.05 -4.94
CA GLU A 675 23.35 30.58 -3.77
C GLU A 675 22.24 31.53 -3.36
N ILE A 676 21.13 30.98 -2.88
CA ILE A 676 20.06 31.83 -2.40
C ILE A 676 19.45 31.27 -1.11
N SER A 677 18.78 32.14 -0.38
CA SER A 677 18.09 31.82 0.88
CA SER A 677 18.03 31.72 0.81
C SER A 677 16.62 32.28 0.80
N LEU A 678 15.69 31.51 1.36
CA LEU A 678 14.29 31.89 1.38
C LEU A 678 13.69 31.60 2.74
N ARG A 679 12.74 32.41 3.13
CA ARG A 679 11.95 32.18 4.34
C ARG A 679 10.53 32.65 4.07
N VAL A 680 9.55 31.78 4.31
CA VAL A 680 8.16 32.15 4.26
C VAL A 680 7.58 32.22 5.66
N GLY A 681 6.82 33.29 5.92
CA GLY A 681 6.25 33.53 7.24
C GLY A 681 7.31 33.51 8.34
N ASN A 682 6.95 32.92 9.48
CA ASN A 682 7.92 32.76 10.57
C ASN A 682 8.52 31.36 10.57
N GLY A 683 8.47 30.72 9.40
CA GLY A 683 8.91 29.35 9.26
C GLY A 683 10.41 29.24 9.10
N PRO A 684 10.87 28.07 8.66
CA PRO A 684 12.32 27.86 8.53
C PRO A 684 12.94 28.68 7.38
N THR A 685 14.23 28.91 7.46
CA THR A 685 14.98 29.57 6.40
C THR A 685 15.76 28.47 5.70
N LEU A 686 15.59 28.37 4.38
CA LEU A 686 16.24 27.34 3.60
C LEU A 686 17.30 27.98 2.71
N ALA A 687 18.47 27.39 2.67
CA ALA A 687 19.52 27.85 1.76
C ALA A 687 19.73 26.82 0.66
N PHE A 688 19.99 27.30 -0.56
CA PHE A 688 20.13 26.48 -1.75
C PHE A 688 21.46 26.72 -2.44
N SER A 689 22.02 25.68 -2.99
CA SER A 689 23.23 25.77 -3.83
C SER A 689 22.93 26.54 -5.13
N GLU A 690 23.99 26.90 -5.85
CA GLU A 690 23.80 27.51 -7.16
C GLU A 690 23.17 26.56 -8.19
N GLN A 691 23.13 25.25 -7.88
CA GLN A 691 22.38 24.30 -8.72
C GLN A 691 20.92 24.12 -8.28
N GLY A 692 20.45 24.92 -7.34
CA GLY A 692 19.03 24.92 -6.95
C GLY A 692 18.64 23.82 -6.00
N LEU A 693 19.62 23.22 -5.31
CA LEU A 693 19.38 22.11 -4.39
C LEU A 693 19.61 22.56 -2.97
N LEU A 694 18.73 22.14 -2.06
CA LEU A 694 18.84 22.46 -0.67
C LEU A 694 20.24 22.14 -0.14
N LYS A 695 20.78 23.07 0.64
CA LYS A 695 22.03 22.81 1.35
C LYS A 695 21.92 22.95 2.86
N SER A 696 20.96 23.72 3.37
CA SER A 696 20.81 23.87 4.83
C SER A 696 19.42 24.34 5.23
N ILE A 697 19.02 24.06 6.48
CA ILE A 697 17.77 24.51 7.06
C ILE A 697 18.05 25.19 8.41
N GLN A 698 17.45 26.34 8.61
CA GLN A 698 17.52 27.07 9.88
C GLN A 698 16.12 27.18 10.43
N LEU A 699 15.86 26.50 11.54
CA LEU A 699 14.51 26.41 12.07
C LEU A 699 13.96 27.74 12.57
N THR A 700 14.80 28.52 13.26
CA THR A 700 14.38 29.79 13.87
C THR A 700 15.46 30.86 13.66
N GLN A 701 15.08 32.12 13.84
CA GLN A 701 15.97 33.28 13.68
C GLN A 701 17.38 33.11 14.27
N ASP A 702 17.45 32.65 15.51
CA ASP A 702 18.72 32.52 16.22
C ASP A 702 19.47 31.22 15.90
N SER A 703 18.70 30.18 15.57
CA SER A 703 19.22 28.81 15.47
C SER A 703 20.26 28.59 14.37
N PRO A 704 20.98 27.47 14.43
CA PRO A 704 22.01 27.15 13.44
C PRO A 704 21.47 26.79 12.04
N HIS A 705 22.29 27.03 11.03
CA HIS A 705 22.01 26.55 9.67
C HIS A 705 22.48 25.10 9.57
N VAL A 706 21.53 24.17 9.71
CA VAL A 706 21.85 22.74 9.74
C VAL A 706 22.09 22.16 8.35
N PRO A 707 23.23 21.55 8.08
CA PRO A 707 23.47 20.93 6.77
C PRO A 707 22.47 19.83 6.44
N VAL A 708 21.76 20.05 5.35
CA VAL A 708 20.81 19.10 4.80
C VAL A 708 20.91 19.28 3.30
N HIS A 709 21.59 18.35 2.65
N HIS A 709 21.61 18.37 2.65
CA HIS A 709 21.97 18.49 1.24
CA HIS A 709 21.91 18.56 1.24
C HIS A 709 21.27 17.47 0.32
C HIS A 709 21.17 17.51 0.42
N PHE A 710 20.47 17.97 -0.62
CA PHE A 710 19.85 17.08 -1.62
C PHE A 710 20.85 16.81 -2.75
N LYS A 711 20.90 15.58 -3.22
CA LYS A 711 21.77 15.17 -4.29
C LYS A 711 21.06 14.10 -5.09
N PHE A 712 21.21 14.09 -6.40
CA PHE A 712 20.73 13.02 -7.27
C PHE A 712 21.86 12.16 -7.77
N LEU A 713 21.70 10.86 -7.69
CA LEU A 713 22.71 9.89 -8.14
C LEU A 713 22.09 8.81 -9.00
N LYS A 714 22.91 7.97 -9.60
CA LYS A 714 22.43 6.89 -10.41
C LYS A 714 23.09 5.59 -10.09
N TYR A 715 22.30 4.54 -10.04
CA TYR A 715 22.80 3.18 -9.99
C TYR A 715 22.71 2.58 -11.38
N GLY A 716 23.62 1.66 -11.68
CA GLY A 716 23.64 0.97 -12.94
C GLY A 716 23.33 -0.50 -12.73
N VAL A 717 23.62 -1.31 -13.74
CA VAL A 717 23.32 -2.73 -13.76
C VAL A 717 24.63 -3.47 -14.02
N ARG A 718 24.75 -4.70 -13.53
CA ARG A 718 25.96 -5.51 -13.70
C ARG A 718 26.11 -5.97 -15.14
N SER A 719 27.36 -5.95 -15.61
CA SER A 719 27.68 -6.41 -16.95
C SER A 719 28.01 -7.91 -16.95
N HIS A 720 28.20 -8.49 -15.75
CA HIS A 720 28.38 -9.93 -15.59
C HIS A 720 27.50 -10.40 -14.44
N GLY A 721 27.00 -11.62 -14.54
CA GLY A 721 26.17 -12.20 -13.50
C GLY A 721 24.73 -11.72 -13.63
N ASP A 722 24.06 -11.60 -12.49
CA ASP A 722 22.61 -11.41 -12.52
C ASP A 722 22.24 -9.97 -12.77
N ARG A 723 21.20 -9.76 -13.58
CA ARG A 723 20.77 -8.42 -13.96
C ARG A 723 19.54 -7.97 -13.15
N SER A 724 19.54 -6.69 -12.75
CA SER A 724 18.35 -6.06 -12.18
C SER A 724 17.21 -6.16 -13.18
N GLY A 725 15.99 -6.26 -12.64
CA GLY A 725 14.76 -6.24 -13.44
C GLY A 725 13.64 -5.69 -12.58
N ALA A 726 12.40 -5.98 -12.97
CA ALA A 726 11.24 -5.44 -12.24
C ALA A 726 11.22 -5.82 -10.76
N TYR A 727 11.73 -7.01 -10.43
CA TYR A 727 11.70 -7.50 -9.04
C TYR A 727 13.00 -7.18 -8.30
N LEU A 728 14.13 -7.54 -8.94
CA LEU A 728 15.45 -7.52 -8.27
C LEU A 728 16.20 -6.23 -8.45
N PHE A 729 16.88 -5.78 -7.40
CA PHE A 729 17.81 -4.67 -7.44
C PHE A 729 19.21 -5.25 -7.25
N LEU A 730 19.99 -5.21 -8.33
CA LEU A 730 21.34 -5.79 -8.32
C LEU A 730 22.33 -4.74 -8.84
N PRO A 731 22.59 -3.71 -8.04
CA PRO A 731 23.41 -2.59 -8.52
C PRO A 731 24.85 -3.02 -8.79
N ASN A 732 25.48 -2.30 -9.72
CA ASN A 732 26.91 -2.52 -10.00
C ASN A 732 27.70 -1.55 -9.13
N GLY A 733 27.52 -1.62 -7.83
CA GLY A 733 28.23 -0.77 -6.89
C GLY A 733 27.41 0.41 -6.38
N PRO A 734 27.95 1.18 -5.44
CA PRO A 734 27.30 2.39 -4.97
C PRO A 734 26.98 3.35 -6.10
N ALA A 735 25.97 4.17 -5.88
CA ALA A 735 25.52 5.15 -6.88
C ALA A 735 26.60 6.19 -7.19
N SER A 736 26.55 6.70 -8.42
CA SER A 736 27.47 7.75 -8.90
C SER A 736 26.66 9.03 -9.09
N PRO A 737 27.22 10.20 -8.74
CA PRO A 737 26.44 11.46 -8.86
C PRO A 737 25.97 11.73 -10.30
N VAL A 738 24.74 12.21 -10.47
CA VAL A 738 24.28 12.64 -11.80
C VAL A 738 25.08 13.91 -12.16
N GLU A 739 25.60 13.96 -13.38
CA GLU A 739 26.31 15.16 -13.82
C GLU A 739 25.28 16.22 -14.16
N LEU A 740 25.35 17.34 -13.44
CA LEU A 740 24.28 18.34 -13.51
C LEU A 740 24.48 19.43 -14.57
N GLY A 741 25.71 19.61 -15.06
CA GLY A 741 26.00 20.74 -15.93
C GLY A 741 25.77 22.05 -15.18
N GLN A 742 25.20 23.05 -15.86
N GLN A 742 25.23 23.04 -15.89
CA GLN A 742 24.86 24.32 -15.23
CA GLN A 742 24.85 24.30 -15.28
C GLN A 742 23.34 24.59 -15.33
C GLN A 742 23.33 24.41 -15.47
N PRO A 743 22.56 23.91 -14.49
CA PRO A 743 21.10 23.89 -14.67
C PRO A 743 20.45 25.25 -14.43
N VAL A 744 19.30 25.41 -15.07
CA VAL A 744 18.48 26.62 -14.91
C VAL A 744 17.66 26.53 -13.64
N VAL A 745 17.74 27.57 -12.82
CA VAL A 745 17.06 27.63 -11.51
C VAL A 745 16.03 28.75 -11.54
N LEU A 746 14.80 28.46 -11.12
CA LEU A 746 13.74 29.45 -11.04
C LEU A 746 13.32 29.65 -9.60
N VAL A 747 13.35 30.88 -9.12
CA VAL A 747 12.98 31.21 -7.76
C VAL A 747 11.73 32.03 -7.79
N THR A 748 10.66 31.60 -7.13
CA THR A 748 9.46 32.37 -7.01
C THR A 748 9.30 32.75 -5.56
N LYS A 749 9.12 34.03 -5.25
CA LYS A 749 9.05 34.48 -3.85
C LYS A 749 7.76 35.18 -3.62
N GLY A 750 6.95 34.63 -2.71
CA GLY A 750 5.66 35.21 -2.41
C GLY A 750 5.42 35.25 -0.93
N LYS A 751 4.40 36.02 -0.54
CA LYS A 751 4.04 36.18 0.86
C LYS A 751 3.51 34.87 1.44
N LEU A 752 2.76 34.11 0.63
CA LEU A 752 2.11 32.86 1.10
C LEU A 752 2.89 31.61 0.69
N GLU A 753 3.59 31.66 -0.44
CA GLU A 753 4.24 30.48 -0.98
C GLU A 753 5.44 30.90 -1.80
N SER A 754 6.59 30.30 -1.55
CA SER A 754 7.78 30.51 -2.35
C SER A 754 8.33 29.18 -2.81
N SER A 755 9.16 29.15 -3.82
CA SER A 755 9.72 27.91 -4.32
CA SER A 755 9.74 27.91 -4.30
C SER A 755 11.02 28.10 -5.06
N VAL A 756 11.82 27.05 -5.13
CA VAL A 756 13.00 27.00 -5.95
C VAL A 756 12.82 25.77 -6.82
N SER A 757 12.90 25.92 -8.13
CA SER A 757 12.73 24.79 -9.06
C SER A 757 13.95 24.73 -9.96
N VAL A 758 14.46 23.54 -10.28
CA VAL A 758 15.62 23.42 -11.14
C VAL A 758 15.45 22.29 -12.12
N GLY A 759 15.86 22.49 -13.37
CA GLY A 759 15.71 21.49 -14.42
C GLY A 759 16.98 20.66 -14.49
N LEU A 760 16.99 19.53 -13.80
CA LEU A 760 18.13 18.62 -13.81
C LEU A 760 17.94 17.57 -14.86
N PRO A 761 18.99 16.87 -15.27
CA PRO A 761 18.80 15.73 -16.17
C PRO A 761 17.86 14.71 -15.52
N SER A 762 16.77 14.45 -16.22
CA SER A 762 15.71 13.51 -15.85
C SER A 762 14.81 13.95 -14.72
N VAL A 763 15.05 15.08 -14.10
CA VAL A 763 14.22 15.50 -12.97
C VAL A 763 14.04 16.99 -12.90
N VAL A 764 12.81 17.48 -12.91
CA VAL A 764 12.58 18.85 -12.49
C VAL A 764 12.31 18.78 -10.99
N HIS A 765 13.21 19.35 -10.20
CA HIS A 765 13.20 19.22 -8.73
C HIS A 765 12.72 20.54 -8.16
N GLN A 766 11.73 20.51 -7.27
CA GLN A 766 11.11 21.70 -6.74
CA GLN A 766 11.14 21.70 -6.73
C GLN A 766 11.04 21.63 -5.23
N THR A 767 11.47 22.69 -4.56
CA THR A 767 11.30 22.84 -3.11
C THR A 767 10.33 23.96 -2.86
N ILE A 768 9.21 23.69 -2.19
CA ILE A 768 8.14 24.64 -1.98
C ILE A 768 8.00 24.94 -0.49
N MET A 769 7.84 26.21 -0.18
CA MET A 769 7.79 26.68 1.20
CA MET A 769 7.80 26.69 1.21
C MET A 769 6.49 27.43 1.42
N ARG A 770 5.77 27.01 2.44
CA ARG A 770 4.52 27.67 2.76
CA ARG A 770 4.53 27.68 2.80
C ARG A 770 4.49 28.14 4.23
N GLY A 771 5.65 28.12 4.89
CA GLY A 771 5.75 28.60 6.25
C GLY A 771 6.03 27.53 7.29
N GLY A 772 6.02 26.26 6.88
CA GLY A 772 6.31 25.11 7.75
C GLY A 772 7.30 24.20 7.05
N ALA A 773 7.18 22.88 7.27
CA ALA A 773 8.05 21.91 6.60
C ALA A 773 7.97 22.09 5.08
N PRO A 774 9.10 22.11 4.38
CA PRO A 774 9.00 22.23 2.91
C PRO A 774 8.33 21.02 2.26
N GLU A 775 7.83 21.24 1.06
CA GLU A 775 7.31 20.21 0.22
C GLU A 775 8.30 20.05 -0.93
N ILE A 776 8.65 18.83 -1.30
CA ILE A 776 9.50 18.57 -2.44
C ILE A 776 8.65 17.93 -3.50
N ARG A 777 8.78 18.37 -4.74
CA ARG A 777 8.14 17.70 -5.86
C ARG A 777 9.18 17.38 -6.91
N ASN A 778 9.22 16.17 -7.41
CA ASN A 778 10.12 15.79 -8.47
C ASN A 778 9.30 15.35 -9.66
N LEU A 779 9.47 16.04 -10.80
CA LEU A 779 8.89 15.53 -12.06
C LEU A 779 9.96 14.68 -12.71
N VAL A 780 9.80 13.37 -12.64
CA VAL A 780 10.84 12.40 -13.00
C VAL A 780 10.54 11.81 -14.38
N ASP A 781 11.46 12.06 -15.32
CA ASP A 781 11.34 11.49 -16.65
C ASP A 781 12.66 10.88 -17.05
N ILE A 782 12.80 9.60 -16.79
CA ILE A 782 14.07 8.90 -17.00
C ILE A 782 14.35 8.71 -18.49
N GLY A 783 13.37 9.03 -19.33
CA GLY A 783 13.60 9.13 -20.78
C GLY A 783 14.10 7.81 -21.32
N SER A 784 15.18 7.86 -22.09
CA SER A 784 15.70 6.62 -22.68
C SER A 784 16.98 6.12 -22.00
N LEU A 785 17.18 6.51 -20.73
CA LEU A 785 18.37 6.07 -20.01
C LEU A 785 18.28 4.60 -19.57
N ASP A 786 18.73 3.70 -20.43
CA ASP A 786 18.61 2.29 -20.11
C ASP A 786 19.57 1.90 -18.97
N ASN A 787 19.13 0.90 -18.22
CA ASN A 787 19.91 0.30 -17.15
C ASN A 787 20.37 1.35 -16.16
N THR A 788 19.41 2.19 -15.76
CA THR A 788 19.66 3.28 -14.83
C THR A 788 18.56 3.32 -13.75
N GLU A 789 18.99 3.53 -12.51
CA GLU A 789 18.03 3.82 -11.43
C GLU A 789 18.43 5.15 -10.86
N ILE A 790 17.50 6.11 -10.80
CA ILE A 790 17.77 7.44 -10.27
C ILE A 790 17.36 7.49 -8.81
N VAL A 791 18.25 7.94 -7.95
CA VAL A 791 18.03 8.02 -6.53
C VAL A 791 18.15 9.45 -6.04
N MET A 792 17.29 9.85 -5.12
CA MET A 792 17.39 11.13 -4.45
C MET A 792 17.96 10.87 -3.07
N ARG A 793 19.09 11.48 -2.74
CA ARG A 793 19.74 11.29 -1.45
C ARG A 793 19.76 12.59 -0.69
N LEU A 794 19.58 12.49 0.62
CA LEU A 794 19.79 13.56 1.59
C LEU A 794 21.04 13.27 2.42
N GLU A 795 21.96 14.24 2.51
CA GLU A 795 23.20 14.08 3.31
C GLU A 795 23.12 15.06 4.45
N THR A 796 23.30 14.57 5.68
CA THR A 796 23.27 15.41 6.85
C THR A 796 24.44 15.05 7.80
N HIS A 797 24.48 15.79 8.89
N HIS A 797 24.59 15.79 8.89
CA HIS A 797 25.44 15.54 9.96
CA HIS A 797 25.57 15.35 9.91
C HIS A 797 24.99 14.58 11.01
C HIS A 797 24.82 14.89 11.21
N ILE A 798 23.67 14.26 10.99
CA ILE A 798 22.98 13.55 12.06
C ILE A 798 23.73 12.27 12.31
N ASP A 799 24.03 12.04 13.60
CA ASP A 799 24.83 10.90 14.00
C ASP A 799 23.99 9.62 14.17
N SER A 800 23.41 9.15 13.07
CA SER A 800 22.47 8.04 13.09
C SER A 800 23.18 6.70 13.10
N GLY A 801 24.46 6.64 12.71
CA GLY A 801 25.17 5.39 12.73
C GLY A 801 24.65 4.45 11.70
N ASP A 802 24.17 3.29 12.14
CA ASP A 802 23.62 2.30 11.23
C ASP A 802 22.10 2.14 11.39
N ILE A 803 21.47 3.07 12.10
CA ILE A 803 20.02 2.96 12.36
C ILE A 803 19.25 3.92 11.50
N PHE A 804 18.09 3.44 11.03
CA PHE A 804 17.10 4.29 10.35
C PHE A 804 15.73 3.67 10.55
N TYR A 805 14.70 4.41 10.23
CA TYR A 805 13.34 3.93 10.44
C TYR A 805 12.57 4.08 9.14
N THR A 806 11.76 3.07 8.83
CA THR A 806 10.89 3.13 7.63
C THR A 806 9.52 2.67 8.06
N ASP A 807 8.50 3.04 7.32
CA ASP A 807 7.16 2.58 7.70
C ASP A 807 6.76 1.29 7.03
N LEU A 808 5.75 0.68 7.64
CA LEU A 808 5.10 -0.50 7.11
C LEU A 808 3.66 -0.15 6.79
N ASN A 809 3.37 -0.08 5.49
CA ASN A 809 2.00 0.12 5.00
C ASN A 809 1.34 1.38 5.51
N GLY A 810 2.14 2.41 5.84
CA GLY A 810 1.54 3.65 6.34
C GLY A 810 0.94 3.53 7.73
N LEU A 811 1.23 2.43 8.42
CA LEU A 811 0.62 2.12 9.69
C LEU A 811 1.57 2.30 10.89
N GLN A 812 2.84 1.96 10.73
CA GLN A 812 3.78 1.90 11.86
C GLN A 812 5.17 2.11 11.32
N PHE A 813 6.07 2.63 12.16
CA PHE A 813 7.48 2.77 11.82
C PHE A 813 8.30 1.73 12.51
N ILE A 814 9.14 1.06 11.77
CA ILE A 814 9.94 -0.02 12.29
C ILE A 814 11.41 0.38 12.21
N LYS A 815 12.16 0.04 13.26
CA LYS A 815 13.60 0.27 13.29
CA LYS A 815 13.61 0.27 13.27
C LYS A 815 14.31 -0.66 12.33
N ARG A 816 15.19 -0.10 11.52
CA ARG A 816 16.07 -0.81 10.62
C ARG A 816 17.51 -0.61 11.05
N ARG A 817 18.28 -1.64 10.77
CA ARG A 817 19.73 -1.52 11.01
C ARG A 817 20.43 -1.90 9.74
N ARG A 818 21.22 -0.98 9.20
CA ARG A 818 22.04 -1.26 8.04
CA ARG A 818 22.04 -1.26 8.04
C ARG A 818 22.96 -2.39 8.50
N LEU A 819 23.21 -3.35 7.61
CA LEU A 819 24.13 -4.45 7.90
C LEU A 819 25.16 -4.55 6.78
N ASP A 820 26.40 -4.27 7.14
CA ASP A 820 27.44 -4.33 6.12
C ASP A 820 27.78 -5.77 5.73
N LYS A 821 27.31 -6.75 6.51
CA LYS A 821 27.49 -8.16 6.12
C LYS A 821 26.54 -8.57 4.98
N LEU A 822 25.56 -7.70 4.66
CA LEU A 822 24.65 -7.94 3.53
C LEU A 822 24.96 -6.95 2.42
N PRO A 823 24.66 -7.31 1.17
CA PRO A 823 24.92 -6.40 0.05
C PRO A 823 23.99 -5.19 0.07
N LEU A 824 24.38 -4.15 -0.67
CA LEU A 824 23.66 -2.92 -0.74
C LEU A 824 22.12 -3.11 -0.89
N GLN A 825 21.73 -3.95 -1.84
CA GLN A 825 20.31 -4.11 -2.18
C GLN A 825 19.51 -4.76 -1.05
N ALA A 826 20.19 -5.45 -0.11
CA ALA A 826 19.52 -6.02 1.05
C ALA A 826 19.17 -4.96 2.06
N ASN A 827 19.88 -3.84 2.03
CA ASN A 827 19.66 -2.71 2.94
C ASN A 827 18.60 -1.72 2.49
N TYR A 828 18.01 -2.00 1.32
CA TYR A 828 16.87 -1.26 0.80
C TYR A 828 15.59 -1.89 1.38
N TYR A 829 14.66 -1.01 1.75
CA TYR A 829 13.39 -1.40 2.36
C TYR A 829 12.28 -0.62 1.68
N PRO A 830 11.04 -1.09 1.82
CA PRO A 830 9.92 -0.31 1.29
C PRO A 830 9.81 1.01 2.06
N ILE A 831 9.50 2.10 1.36
CA ILE A 831 9.16 3.38 1.99
C ILE A 831 7.75 3.68 1.56
N PRO A 832 6.77 3.02 2.14
CA PRO A 832 5.40 3.22 1.68
C PRO A 832 4.86 4.58 2.05
N SER A 833 5.36 5.25 3.08
CA SER A 833 4.89 6.58 3.41
C SER A 833 5.92 7.50 4.12
N GLY A 834 6.99 6.91 4.63
CA GLY A 834 8.01 7.78 5.22
C GLY A 834 9.17 7.03 5.81
N MET A 835 10.19 7.80 6.14
CA MET A 835 11.41 7.26 6.70
C MET A 835 12.09 8.37 7.49
N PHE A 836 12.89 7.98 8.48
CA PHE A 836 13.62 8.99 9.27
C PHE A 836 14.92 8.46 9.82
N ILE A 837 15.83 9.41 10.09
CA ILE A 837 17.08 9.12 10.84
C ILE A 837 17.12 10.12 11.98
N GLU A 838 17.79 9.70 13.05
CA GLU A 838 17.90 10.57 14.22
C GLU A 838 19.15 10.25 15.04
N ASP A 839 19.57 11.26 15.81
CA ASP A 839 20.54 11.03 16.90
C ASP A 839 19.92 11.53 18.18
N ALA A 840 20.76 11.79 19.19
CA ALA A 840 20.24 12.26 20.46
C ALA A 840 19.44 13.57 20.35
N ASN A 841 19.85 14.44 19.43
CA ASN A 841 19.30 15.80 19.35
C ASN A 841 18.41 16.18 18.16
N THR A 842 18.65 15.49 17.04
CA THR A 842 18.12 15.93 15.74
C THR A 842 17.51 14.73 15.03
N ARG A 843 16.40 15.02 14.35
CA ARG A 843 15.77 14.02 13.46
C ARG A 843 15.46 14.67 12.11
N LEU A 844 15.65 13.90 11.06
CA LEU A 844 15.20 14.30 9.71
C LEU A 844 14.21 13.23 9.25
N THR A 845 12.99 13.68 8.95
CA THR A 845 11.93 12.78 8.44
C THR A 845 11.56 13.18 7.01
N LEU A 846 11.50 12.20 6.13
CA LEU A 846 11.04 12.41 4.75
C LEU A 846 9.73 11.64 4.59
N LEU A 847 8.64 12.36 4.37
CA LEU A 847 7.32 11.74 4.13
C LEU A 847 7.09 11.65 2.64
N THR A 848 6.41 10.60 2.19
CA THR A 848 6.18 10.40 0.74
CA THR A 848 6.21 10.38 0.75
C THR A 848 4.71 10.31 0.37
N GLY A 849 4.40 10.77 -0.83
CA GLY A 849 3.07 10.63 -1.38
C GLY A 849 2.90 9.41 -2.27
N GLN A 850 3.88 8.52 -2.24
CA GLN A 850 3.89 7.33 -3.08
C GLN A 850 4.89 6.34 -2.50
N PRO A 851 4.64 5.04 -2.60
CA PRO A 851 5.63 4.07 -2.11
C PRO A 851 6.78 3.94 -3.07
N LEU A 852 7.99 3.97 -2.50
CA LEU A 852 9.25 3.85 -3.26
C LEU A 852 10.26 3.11 -2.40
N GLY A 853 11.35 2.63 -2.98
CA GLY A 853 12.38 1.96 -2.19
C GLY A 853 13.39 2.92 -1.64
N GLY A 854 13.96 2.61 -0.49
CA GLY A 854 14.95 3.51 0.06
C GLY A 854 15.77 2.90 1.17
N SER A 855 16.72 3.70 1.67
CA SER A 855 17.67 3.17 2.66
C SER A 855 18.35 4.33 3.33
N SER A 856 19.22 3.97 4.29
CA SER A 856 20.24 4.90 4.81
C SER A 856 21.57 4.14 4.69
N LEU A 857 22.40 4.41 3.67
CA LEU A 857 23.57 3.57 3.41
C LEU A 857 24.81 4.07 4.14
N ALA A 858 24.68 5.17 4.83
CA ALA A 858 25.77 5.71 5.68
C ALA A 858 25.15 6.61 6.69
N SER A 859 25.85 6.77 7.83
CA SER A 859 25.37 7.59 8.90
C SER A 859 25.01 8.99 8.35
N GLY A 860 23.89 9.55 8.80
CA GLY A 860 23.44 10.86 8.39
C GLY A 860 22.73 10.92 7.03
N GLU A 861 22.64 9.81 6.32
CA GLU A 861 21.99 9.80 4.98
C GLU A 861 20.58 9.21 4.97
N LEU A 862 19.76 9.71 4.07
CA LEU A 862 18.49 9.06 3.66
C LEU A 862 18.55 8.99 2.14
N GLU A 863 18.01 7.95 1.53
CA GLU A 863 17.87 8.00 0.09
C GLU A 863 16.63 7.24 -0.32
N ILE A 864 16.06 7.68 -1.44
CA ILE A 864 14.80 7.08 -1.96
C ILE A 864 14.87 7.04 -3.48
N MET A 865 14.58 5.88 -4.03
CA MET A 865 14.64 5.70 -5.48
C MET A 865 13.46 6.39 -6.15
N GLN A 866 13.72 7.03 -7.29
CA GLN A 866 12.73 7.82 -8.03
C GLN A 866 12.12 7.04 -9.20
N ASP A 867 12.98 6.39 -9.99
CA ASP A 867 12.51 5.52 -11.09
C ASP A 867 13.66 4.63 -11.52
N ARG A 868 13.36 3.62 -12.29
CA ARG A 868 14.34 2.67 -12.73
C ARG A 868 13.90 2.18 -14.11
N ARG A 869 14.88 2.08 -15.01
CA ARG A 869 14.64 1.64 -16.39
C ARG A 869 15.66 0.57 -16.67
N LEU A 870 15.16 -0.63 -16.92
CA LEU A 870 15.97 -1.85 -16.98
C LEU A 870 15.72 -2.62 -18.24
N ALA A 871 16.81 -2.92 -18.94
CA ALA A 871 16.70 -3.55 -20.23
C ALA A 871 16.44 -5.06 -20.16
N SER A 872 16.85 -5.67 -19.07
CA SER A 872 16.85 -7.12 -18.96
C SER A 872 15.74 -7.65 -18.09
N ASP A 873 15.32 -8.88 -18.41
CA ASP A 873 14.47 -9.68 -17.53
C ASP A 873 15.33 -10.24 -16.37
N ASP A 874 14.71 -10.37 -15.18
CA ASP A 874 15.41 -10.85 -13.99
C ASP A 874 14.98 -12.25 -13.55
N GLU A 875 14.52 -13.06 -14.50
CA GLU A 875 14.33 -14.51 -14.33
CA GLU A 875 14.42 -14.52 -14.25
C GLU A 875 13.33 -14.91 -13.26
N ARG A 876 12.35 -14.05 -13.04
CA ARG A 876 11.28 -14.34 -12.07
C ARG A 876 9.91 -14.56 -12.75
N GLY A 877 9.90 -14.66 -14.08
CA GLY A 877 8.69 -15.02 -14.79
C GLY A 877 8.06 -13.92 -15.63
N LEU A 878 8.50 -12.69 -15.45
CA LEU A 878 7.88 -11.59 -16.17
C LEU A 878 8.19 -11.60 -17.67
N GLY A 879 9.43 -11.98 -18.02
CA GLY A 879 9.84 -12.09 -19.42
C GLY A 879 9.94 -10.77 -20.17
N GLN A 880 10.21 -9.69 -19.43
CA GLN A 880 10.56 -8.42 -20.03
C GLN A 880 11.33 -7.60 -19.00
N GLY A 881 12.03 -6.59 -19.47
CA GLY A 881 12.57 -5.56 -18.57
C GLY A 881 11.51 -4.53 -18.20
N VAL A 882 12.00 -3.38 -17.73
CA VAL A 882 11.12 -2.27 -17.44
C VAL A 882 11.56 -1.13 -18.35
N LEU A 883 10.82 -0.99 -19.47
CA LEU A 883 11.20 -0.01 -20.51
C LEU A 883 10.02 0.86 -20.90
N ASP A 884 9.01 0.89 -20.06
CA ASP A 884 7.74 1.61 -20.30
C ASP A 884 7.54 2.77 -19.34
N ASN A 885 8.65 3.34 -18.87
CA ASN A 885 8.61 4.48 -18.00
C ASN A 885 7.84 5.64 -18.57
N LYS A 886 7.23 6.43 -17.71
CA LYS A 886 6.55 7.64 -18.15
C LYS A 886 6.73 8.68 -17.06
N PRO A 887 6.64 9.95 -17.41
CA PRO A 887 6.82 11.00 -16.42
C PRO A 887 5.87 10.87 -15.25
N VAL A 888 6.41 11.07 -14.05
CA VAL A 888 5.64 10.95 -12.82
C VAL A 888 6.03 12.10 -11.91
N LEU A 889 5.05 12.67 -11.23
CA LEU A 889 5.32 13.70 -10.24
C LEU A 889 5.28 13.11 -8.81
N HIS A 890 6.46 12.90 -8.27
CA HIS A 890 6.62 12.42 -6.88
C HIS A 890 6.52 13.57 -5.91
N ILE A 891 5.86 13.37 -4.78
CA ILE A 891 5.70 14.43 -3.78
C ILE A 891 6.20 13.97 -2.42
N TYR A 892 6.73 14.92 -1.66
CA TYR A 892 7.33 14.64 -0.34
C TYR A 892 7.17 15.82 0.58
N ARG A 893 7.32 15.56 1.87
CA ARG A 893 7.54 16.64 2.86
C ARG A 893 8.80 16.31 3.61
N LEU A 894 9.54 17.37 3.98
CA LEU A 894 10.84 17.22 4.65
C LEU A 894 10.77 17.93 5.98
N VAL A 895 10.88 17.15 7.08
CA VAL A 895 10.74 17.70 8.42
C VAL A 895 12.02 17.51 9.23
N LEU A 896 12.71 18.61 9.49
CA LEU A 896 13.90 18.65 10.36
C LEU A 896 13.43 19.12 11.72
N GLU A 897 13.77 18.37 12.78
CA GLU A 897 13.25 18.69 14.11
C GLU A 897 14.31 18.43 15.17
N LYS A 898 14.25 19.23 16.24
CA LYS A 898 14.96 18.92 17.48
C LYS A 898 14.17 17.93 18.33
N VAL A 899 14.82 16.84 18.69
CA VAL A 899 14.13 15.76 19.40
C VAL A 899 14.72 15.39 20.77
N ASN A 900 15.71 16.15 21.24
CA ASN A 900 16.30 15.83 22.55
C ASN A 900 15.29 15.88 23.70
N ASN A 901 14.21 16.63 23.55
CA ASN A 901 13.18 16.71 24.61
C ASN A 901 12.06 15.69 24.48
N CYS A 902 12.09 14.90 23.40
CA CYS A 902 11.01 13.96 23.14
C CYS A 902 11.16 12.71 24.01
N VAL A 903 10.05 12.18 24.46
CA VAL A 903 10.07 10.89 25.16
C VAL A 903 10.07 9.77 24.10
N ARG A 904 11.22 9.18 23.88
CA ARG A 904 11.38 8.19 22.84
C ARG A 904 11.49 6.80 23.45
N PRO A 905 11.25 5.77 22.65
CA PRO A 905 11.46 4.41 23.15
C PRO A 905 12.91 4.20 23.54
N SER A 906 13.15 3.20 24.37
CA SER A 906 14.51 2.83 24.71
C SER A 906 15.27 2.28 23.51
N LYS A 907 16.58 2.21 23.64
CA LYS A 907 17.46 1.71 22.58
C LYS A 907 17.10 0.29 22.12
N LEU A 908 16.45 -0.50 22.96
CA LEU A 908 16.14 -1.87 22.58
C LEU A 908 14.74 -2.04 21.93
N HIS A 909 13.93 -1.00 21.95
CA HIS A 909 12.60 -1.08 21.37
C HIS A 909 12.68 -1.14 19.85
N PRO A 910 11.95 -2.05 19.23
CA PRO A 910 12.01 -2.18 17.76
C PRO A 910 11.17 -1.17 16.96
N ALA A 911 10.42 -0.29 17.60
CA ALA A 911 9.57 0.68 16.88
C ALA A 911 10.11 2.08 16.98
N GLY A 912 9.64 2.98 16.10
CA GLY A 912 9.78 4.41 16.30
C GLY A 912 8.45 5.06 16.00
N TYR A 913 8.32 6.33 16.32
CA TYR A 913 7.07 7.07 16.23
C TYR A 913 7.33 8.45 15.69
N LEU A 914 6.39 8.94 14.88
CA LEU A 914 6.48 10.29 14.36
C LEU A 914 6.19 11.33 15.41
N THR A 915 6.70 12.54 15.16
CA THR A 915 6.20 13.72 15.87
C THR A 915 4.88 14.21 15.27
N SER A 916 4.18 15.09 15.96
CA SER A 916 3.01 15.73 15.43
C SER A 916 3.25 16.39 14.06
N ALA A 917 4.34 17.12 13.91
CA ALA A 917 4.56 17.83 12.66
C ALA A 917 4.73 16.86 11.51
N ALA A 918 5.46 15.77 11.74
CA ALA A 918 5.70 14.79 10.67
C ALA A 918 4.42 14.05 10.31
N HIS A 919 3.62 13.73 11.29
CA HIS A 919 2.36 13.05 11.02
C HIS A 919 1.44 13.96 10.22
N LYS A 920 1.33 15.21 10.62
CA LYS A 920 0.51 16.17 9.85
C LYS A 920 1.03 16.34 8.43
N ALA A 921 2.35 16.37 8.26
CA ALA A 921 2.91 16.48 6.93
C ALA A 921 2.53 15.25 6.08
N SER A 922 2.57 14.05 6.68
CA SER A 922 2.13 12.86 5.95
C SER A 922 0.65 12.97 5.57
N GLN A 923 -0.19 13.47 6.46
CA GLN A 923 -1.62 13.65 6.13
C GLN A 923 -1.79 14.66 5.01
N SER A 924 -0.95 15.69 4.98
N SER A 924 -0.95 15.69 4.95
CA SER A 924 -1.01 16.69 3.92
CA SER A 924 -1.05 16.69 3.88
C SER A 924 -0.79 16.04 2.55
C SER A 924 -0.69 16.11 2.51
N LEU A 925 0.09 15.04 2.51
CA LEU A 925 0.42 14.36 1.25
C LEU A 925 -0.67 13.38 0.87
N LEU A 926 -1.15 12.59 1.84
CA LEU A 926 -2.05 11.48 1.50
C LEU A 926 -3.50 11.87 1.46
N ASP A 927 -3.90 12.82 2.29
CA ASP A 927 -5.30 13.21 2.30
C ASP A 927 -5.42 14.73 2.31
N PRO A 928 -5.04 15.36 1.20
CA PRO A 928 -5.12 16.82 1.07
C PRO A 928 -6.58 17.24 1.03
N LEU A 929 -6.85 18.54 1.13
CA LEU A 929 -8.17 19.06 0.79
C LEU A 929 -8.51 18.77 -0.65
N ASP A 930 -9.77 18.43 -0.90
CA ASP A 930 -10.26 18.27 -2.26
C ASP A 930 -10.93 19.55 -2.77
N LYS A 931 -10.64 19.90 -4.02
CA LYS A 931 -11.08 21.19 -4.57
C LYS A 931 -12.07 20.99 -5.68
N PHE A 932 -13.18 21.70 -5.61
CA PHE A 932 -14.27 21.60 -6.59
C PHE A 932 -14.53 22.97 -7.20
N ILE A 933 -14.69 23.01 -8.52
CA ILE A 933 -14.98 24.27 -9.23
C ILE A 933 -16.40 24.15 -9.76
N PHE A 934 -17.28 25.09 -9.40
CA PHE A 934 -18.66 25.00 -9.87
C PHE A 934 -18.67 25.17 -11.41
N ALA A 935 -19.38 24.28 -12.11
CA ALA A 935 -19.27 24.23 -13.55
C ALA A 935 -20.09 25.31 -14.27
N GLU A 936 -21.29 25.58 -13.79
CA GLU A 936 -22.27 26.49 -14.40
CA GLU A 936 -22.15 26.50 -14.52
C GLU A 936 -21.96 27.94 -14.05
N ASN A 937 -22.67 28.88 -14.67
CA ASN A 937 -22.43 30.27 -14.35
C ASN A 937 -22.90 30.72 -12.97
N GLU A 938 -24.05 30.19 -12.55
CA GLU A 938 -24.62 30.59 -11.28
C GLU A 938 -25.10 29.39 -10.48
N TRP A 939 -24.75 29.38 -9.20
CA TRP A 939 -25.20 28.33 -8.30
C TRP A 939 -26.32 28.85 -7.40
N ILE A 940 -27.56 28.55 -7.77
CA ILE A 940 -28.70 29.02 -6.99
C ILE A 940 -28.85 28.20 -5.69
N GLY A 941 -29.02 28.88 -4.56
CA GLY A 941 -29.20 28.20 -3.28
C GLY A 941 -27.91 27.75 -2.63
N ALA A 942 -26.77 28.28 -3.08
CA ALA A 942 -25.45 27.91 -2.55
C ALA A 942 -25.33 28.26 -1.08
N GLN A 943 -24.71 27.36 -0.31
CA GLN A 943 -24.42 27.56 1.10
C GLN A 943 -22.92 27.62 1.35
N GLY A 944 -22.50 28.23 2.45
CA GLY A 944 -21.11 28.56 2.67
C GLY A 944 -20.31 27.47 3.35
N GLN A 945 -20.98 26.55 4.02
CA GLN A 945 -20.24 25.58 4.84
C GLN A 945 -21.11 24.37 5.14
N PHE A 946 -20.43 23.23 5.31
CA PHE A 946 -21.06 22.02 5.82
C PHE A 946 -20.15 21.41 6.87
N GLY A 947 -20.70 20.94 8.00
CA GLY A 947 -19.91 20.29 9.01
C GLY A 947 -19.32 21.18 10.07
N GLY A 948 -19.76 22.44 10.16
CA GLY A 948 -19.27 23.35 11.19
C GLY A 948 -19.53 22.83 12.61
N ASP A 949 -20.53 21.95 12.76
CA ASP A 949 -20.84 21.34 14.06
C ASP A 949 -20.21 19.96 14.29
N HIS A 950 -19.38 19.51 13.34
CA HIS A 950 -18.71 18.21 13.51
C HIS A 950 -17.60 18.34 14.56
N PRO A 951 -17.45 17.37 15.46
CA PRO A 951 -16.36 17.43 16.46
C PRO A 951 -14.98 17.47 15.83
N SER A 952 -14.09 18.28 16.38
CA SER A 952 -12.72 18.37 15.89
C SER A 952 -11.84 17.53 16.81
N ALA A 953 -11.56 16.30 16.35
CA ALA A 953 -10.93 15.28 17.18
C ALA A 953 -9.45 15.52 17.38
N ARG A 954 -8.90 14.92 18.43
N ARG A 954 -8.92 14.91 18.43
CA ARG A 954 -7.48 15.01 18.72
CA ARG A 954 -7.49 14.90 18.72
C ARG A 954 -6.67 14.58 17.50
C ARG A 954 -6.67 14.56 17.47
N GLU A 955 -5.51 15.21 17.35
CA GLU A 955 -4.72 15.12 16.11
C GLU A 955 -4.27 13.70 15.75
N ASP A 956 -4.15 12.84 16.76
CA ASP A 956 -3.69 11.48 16.48
C ASP A 956 -4.81 10.54 16.02
N LEU A 957 -6.04 11.01 16.02
CA LEU A 957 -7.18 10.14 15.65
C LEU A 957 -7.62 10.46 14.23
N ASP A 958 -7.93 9.42 13.45
CA ASP A 958 -8.49 9.60 12.11
C ASP A 958 -9.72 8.73 11.94
N VAL A 959 -10.65 9.23 11.14
CA VAL A 959 -11.76 8.42 10.64
C VAL A 959 -11.29 7.93 9.28
N SER A 960 -10.63 6.77 9.30
CA SER A 960 -10.01 6.20 8.12
C SER A 960 -11.03 5.85 7.06
N VAL A 961 -12.21 5.36 7.49
CA VAL A 961 -13.33 4.97 6.61
C VAL A 961 -14.62 5.51 7.22
N MET A 962 -15.44 6.12 6.36
CA MET A 962 -16.85 6.32 6.66
C MET A 962 -17.58 5.80 5.44
N ARG A 963 -18.46 4.83 5.64
CA ARG A 963 -19.15 4.21 4.52
C ARG A 963 -20.57 3.83 4.92
N ARG A 964 -21.55 4.30 4.17
CA ARG A 964 -22.92 3.85 4.39
C ARG A 964 -23.04 2.42 3.85
N LEU A 965 -23.62 1.56 4.69
CA LEU A 965 -23.64 0.13 4.43
C LEU A 965 -24.97 -0.38 3.86
N THR A 966 -25.98 0.50 3.86
CA THR A 966 -27.35 0.13 3.42
C THR A 966 -27.77 1.00 2.26
N LYS A 967 -28.59 0.43 1.37
CA LYS A 967 -29.21 1.16 0.27
C LYS A 967 -30.48 1.81 0.80
N SER A 968 -31.08 2.68 -0.02
CA SER A 968 -32.15 3.56 0.45
C SER A 968 -33.41 2.83 0.89
N SER A 969 -33.62 1.62 0.38
CA SER A 969 -34.83 0.84 0.73
C SER A 969 -34.81 0.23 2.13
N ALA A 970 -33.66 0.21 2.81
CA ALA A 970 -33.57 -0.30 4.16
C ALA A 970 -34.23 0.62 5.18
N LYS A 971 -35.19 0.07 5.93
N LYS A 971 -35.20 0.08 5.92
CA LYS A 971 -35.85 0.77 7.03
CA LYS A 971 -35.82 0.84 7.00
C LYS A 971 -34.85 1.27 8.06
C LYS A 971 -34.79 1.32 8.02
N THR A 972 -33.89 0.42 8.42
CA THR A 972 -32.82 0.80 9.34
C THR A 972 -31.53 1.08 8.54
N GLN A 973 -31.13 2.34 8.50
CA GLN A 973 -29.89 2.69 7.79
C GLN A 973 -28.71 2.36 8.68
N ARG A 974 -27.59 1.94 8.07
CA ARG A 974 -26.38 1.66 8.84
CA ARG A 974 -26.37 1.57 8.79
C ARG A 974 -25.18 2.32 8.20
N VAL A 975 -24.34 2.89 9.04
CA VAL A 975 -23.12 3.58 8.56
C VAL A 975 -21.96 3.01 9.34
N GLY A 976 -20.91 2.62 8.61
CA GLY A 976 -19.72 2.06 9.23
C GLY A 976 -18.57 3.05 9.27
N TYR A 977 -17.83 3.01 10.35
CA TYR A 977 -16.67 3.86 10.56
C TYR A 977 -15.48 3.00 10.96
N VAL A 978 -14.30 3.27 10.37
CA VAL A 978 -13.06 2.70 10.89
C VAL A 978 -12.28 3.85 11.50
N LEU A 979 -11.96 3.73 12.78
CA LEU A 979 -11.20 4.73 13.51
C LEU A 979 -9.82 4.20 13.79
N HIS A 980 -8.82 4.99 13.45
CA HIS A 980 -7.44 4.65 13.73
C HIS A 980 -6.75 5.71 14.57
N ARG A 981 -6.12 5.31 15.67
CA ARG A 981 -5.34 6.27 16.45
C ARG A 981 -3.90 5.89 16.29
N THR A 982 -3.08 6.82 15.82
CA THR A 982 -1.65 6.57 15.75
C THR A 982 -1.03 6.88 17.11
N ASN A 983 0.29 6.84 17.19
CA ASN A 983 0.98 7.26 18.43
C ASN A 983 2.05 8.27 18.05
N LEU A 984 1.91 9.47 18.58
CA LEU A 984 2.84 10.58 18.31
C LEU A 984 3.72 10.81 19.52
N MET A 985 4.96 11.19 19.28
N MET A 985 4.97 11.19 19.28
CA MET A 985 5.90 11.44 20.38
CA MET A 985 5.94 11.46 20.36
C MET A 985 5.50 12.60 21.24
C MET A 985 5.49 12.60 21.25
N GLN A 986 5.71 12.45 22.54
CA GLN A 986 5.51 13.54 23.50
C GLN A 986 6.79 14.34 23.48
N CYS A 987 6.71 15.60 23.06
CA CYS A 987 7.90 16.45 23.02
C CYS A 987 7.74 17.76 23.80
N GLY A 988 6.73 17.84 24.66
CA GLY A 988 6.56 19.01 25.51
C GLY A 988 5.63 20.08 25.01
N THR A 989 4.94 19.80 23.90
CA THR A 989 3.93 20.74 23.38
C THR A 989 2.59 20.39 24.00
N PRO A 990 2.02 21.30 24.79
CA PRO A 990 0.73 21.05 25.44
C PRO A 990 -0.37 20.69 24.44
N GLU A 991 -0.46 21.38 23.30
CA GLU A 991 -1.52 21.16 22.30
C GLU A 991 -2.78 20.52 22.92
N GLU A 992 -3.64 21.32 23.53
CA GLU A 992 -4.72 20.75 24.31
C GLU A 992 -6.12 21.07 23.80
N HIS A 993 -7.11 20.89 24.68
CA HIS A 993 -8.52 21.02 24.37
C HIS A 993 -8.93 20.56 22.98
N THR A 994 -9.36 19.31 22.89
CA THR A 994 -10.10 18.87 21.71
C THR A 994 -11.42 18.19 22.10
N GLN A 995 -12.32 18.08 21.14
CA GLN A 995 -13.61 17.47 21.40
C GLN A 995 -13.55 15.96 21.18
N LYS A 996 -14.26 15.23 22.05
CA LYS A 996 -14.44 13.80 21.87
C LYS A 996 -15.20 13.57 20.58
N LEU A 997 -14.72 12.63 19.78
CA LEU A 997 -15.43 12.24 18.60
C LEU A 997 -16.20 10.96 18.90
N ASP A 998 -17.52 11.03 18.79
CA ASP A 998 -18.39 9.86 18.87
C ASP A 998 -19.01 9.65 17.50
N VAL A 999 -18.45 8.72 16.74
CA VAL A 999 -18.91 8.57 15.36
C VAL A 999 -20.37 8.12 15.29
N CYS A 1000 -20.84 7.47 16.35
CA CYS A 1000 -22.23 7.00 16.33
C CYS A 1000 -23.30 8.09 16.37
N HIS A 1001 -22.92 9.29 16.76
CA HIS A 1001 -23.83 10.42 16.77
C HIS A 1001 -23.56 11.44 15.64
N LEU A 1002 -22.72 11.07 14.68
CA LEU A 1002 -22.51 11.96 13.53
C LEU A 1002 -23.73 12.09 12.64
N LEU A 1003 -24.54 11.05 12.56
CA LEU A 1003 -25.80 11.11 11.82
C LEU A 1003 -26.95 11.11 12.83
N PRO A 1004 -28.04 11.79 12.52
CA PRO A 1004 -29.15 11.91 13.48
C PRO A 1004 -29.94 10.60 13.62
N ASN A 1005 -30.75 10.58 14.67
CA ASN A 1005 -31.69 9.47 14.91
C ASN A 1005 -31.02 8.12 15.09
N VAL A 1006 -29.90 8.12 15.81
CA VAL A 1006 -29.20 6.88 16.08
C VAL A 1006 -30.09 6.01 16.98
N ALA A 1007 -30.20 4.74 16.61
CA ALA A 1007 -31.00 3.74 17.34
C ALA A 1007 -30.12 2.67 17.97
N ARG A 1008 -28.88 2.50 17.48
CA ARG A 1008 -27.99 1.48 18.00
C ARG A 1008 -26.57 1.81 17.55
N CYS A 1009 -25.60 1.42 18.35
CA CYS A 1009 -24.18 1.59 17.99
C CYS A 1009 -23.48 0.29 18.37
N GLU A 1010 -22.75 -0.31 17.44
CA GLU A 1010 -22.07 -1.56 17.71
C GLU A 1010 -20.59 -1.43 17.33
N ARG A 1011 -19.74 -2.04 18.10
CA ARG A 1011 -18.36 -2.26 17.64
C ARG A 1011 -18.35 -3.52 16.78
N THR A 1012 -17.66 -3.49 15.64
CA THR A 1012 -17.63 -4.61 14.72
C THR A 1012 -16.18 -4.97 14.38
N THR A 1013 -16.00 -6.11 13.74
CA THR A 1013 -14.75 -6.36 13.03
C THR A 1013 -14.51 -5.26 12.00
N LEU A 1014 -13.24 -5.16 11.54
CA LEU A 1014 -12.89 -4.03 10.67
C LEU A 1014 -13.55 -4.06 9.31
N THR A 1015 -14.03 -5.24 8.90
CA THR A 1015 -14.77 -5.45 7.65
C THR A 1015 -16.26 -5.15 7.80
N PHE A 1016 -16.69 -4.82 9.02
CA PHE A 1016 -18.09 -4.54 9.39
C PHE A 1016 -18.94 -5.79 9.40
N LEU A 1017 -18.37 -6.99 9.28
CA LEU A 1017 -19.19 -8.19 9.03
C LEU A 1017 -19.65 -8.92 10.29
N GLN A 1018 -19.09 -8.61 11.45
CA GLN A 1018 -19.51 -9.26 12.71
C GLN A 1018 -19.61 -8.22 13.80
N ASN A 1019 -20.71 -8.26 14.55
CA ASN A 1019 -20.90 -7.39 15.69
C ASN A 1019 -20.18 -7.98 16.87
N LEU A 1020 -19.35 -7.18 17.53
CA LEU A 1020 -18.55 -7.63 18.65
C LEU A 1020 -19.06 -7.11 19.99
N GLU A 1021 -19.74 -5.96 19.98
CA GLU A 1021 -20.18 -5.32 21.23
C GLU A 1021 -21.30 -4.34 20.95
N HIS A 1022 -22.34 -4.42 21.76
CA HIS A 1022 -23.44 -3.50 21.68
C HIS A 1022 -23.16 -2.38 22.66
N LEU A 1023 -23.14 -1.15 22.19
CA LEU A 1023 -22.53 -0.09 22.96
C LEU A 1023 -23.53 0.72 23.78
N ASP A 1024 -23.20 0.89 25.07
CA ASP A 1024 -24.03 1.64 26.01
C ASP A 1024 -24.15 3.09 25.62
N GLY A 1025 -25.39 3.58 25.67
CA GLY A 1025 -25.68 4.96 25.35
C GLY A 1025 -25.54 5.28 23.88
N MET A 1026 -25.29 4.25 23.06
CA MET A 1026 -25.03 4.43 21.62
C MET A 1026 -23.83 5.33 21.40
N VAL A 1027 -22.84 5.22 22.30
CA VAL A 1027 -21.63 6.02 22.21
C VAL A 1027 -20.45 5.16 21.81
N ALA A 1028 -19.79 5.54 20.72
CA ALA A 1028 -18.59 4.84 20.25
C ALA A 1028 -17.39 5.45 20.94
N PRO A 1029 -16.71 4.68 21.78
CA PRO A 1029 -15.53 5.18 22.49
C PRO A 1029 -14.37 5.37 21.52
N GLU A 1030 -13.51 6.34 21.79
CA GLU A 1030 -12.28 6.49 21.03
C GLU A 1030 -11.30 5.35 21.36
N VAL A 1031 -10.38 5.12 20.43
CA VAL A 1031 -9.47 3.98 20.52
C VAL A 1031 -8.15 4.38 21.18
N CYS A 1032 -7.39 3.38 21.64
CA CYS A 1032 -6.05 3.56 22.20
C CYS A 1032 -4.98 3.84 21.13
N PRO A 1033 -3.85 4.43 21.51
CA PRO A 1033 -2.74 4.60 20.56
C PRO A 1033 -2.36 3.27 19.90
N MET A 1034 -2.18 3.36 18.58
CA MET A 1034 -1.86 2.23 17.69
C MET A 1034 -2.99 1.22 17.50
N GLU A 1035 -4.18 1.57 17.92
CA GLU A 1035 -5.32 0.67 17.74
C GLU A 1035 -6.21 1.19 16.63
N THR A 1036 -6.95 0.26 16.03
CA THR A 1036 -7.93 0.54 14.99
C THR A 1036 -9.18 -0.20 15.40
N ALA A 1037 -10.32 0.48 15.37
CA ALA A 1037 -11.61 -0.10 15.71
C ALA A 1037 -12.61 0.26 14.66
N ALA A 1038 -13.65 -0.54 14.56
CA ALA A 1038 -14.75 -0.27 13.65
C ALA A 1038 -16.05 -0.19 14.43
N TYR A 1039 -16.91 0.72 13.98
CA TYR A 1039 -18.23 0.87 14.60
C TYR A 1039 -19.27 0.98 13.53
N VAL A 1040 -20.48 0.49 13.78
CA VAL A 1040 -21.61 0.69 12.88
C VAL A 1040 -22.72 1.35 13.68
N SER A 1041 -23.22 2.48 13.17
CA SER A 1041 -24.38 3.12 13.76
C SER A 1041 -25.60 2.78 12.93
N SER A 1042 -26.72 2.52 13.64
CA SER A 1042 -27.99 2.22 13.00
C SER A 1042 -28.96 3.38 13.23
N HIS A 1043 -29.72 3.73 12.21
CA HIS A 1043 -30.55 4.93 12.24
C HIS A 1043 -31.96 4.61 11.75
N SER A 1044 -32.94 5.10 12.51
CA SER A 1044 -34.34 4.81 12.24
C SER A 1044 -35.00 5.92 11.44
N SER A 1045 -34.30 7.06 11.35
CA SER A 1045 -34.79 8.36 10.85
C SER A 1045 -36.32 8.62 10.82
O4 Z4R B . 6.22 -19.37 -8.42
C4 Z4R B . 6.65 -19.48 -9.80
C5 Z4R B . 7.96 -20.29 -9.79
C6 Z4R B . 7.82 -21.75 -9.31
O6 Z4R B . 8.86 -22.07 -8.37
O5 Z4R B . 8.51 -20.30 -11.14
C1 Z4R B . 8.90 -18.98 -11.64
O1 Z4R B . 9.76 -18.28 -10.74
C1M Z4R B . 11.10 -18.14 -11.25
C2 Z4R B . 7.68 -18.07 -11.74
O2 Z4R B . 6.86 -18.44 -12.85
C3 Z4R B . 6.85 -18.06 -10.43
S3 Z4R B . 5.27 -17.19 -10.78
C1 MAN B . 4.86 -16.50 -9.16
C2 MAN B . 3.53 -15.71 -9.17
C3 MAN B . 3.69 -14.28 -9.71
C4 MAN B . 4.95 -13.55 -9.22
C5 MAN B . 6.16 -14.46 -9.45
C6 MAN B . 7.46 -13.85 -8.96
O2 MAN B . 2.98 -15.69 -7.83
O3 MAN B . 2.55 -13.53 -9.19
O4 MAN B . 5.13 -12.34 -9.98
O5 MAN B . 5.92 -15.65 -8.67
O6 MAN B . 8.54 -14.77 -9.34
C1 NAG C . -25.34 -19.14 7.22
C2 NAG C . -26.67 -19.88 7.09
C3 NAG C . -27.38 -19.99 8.41
C4 NAG C . -26.64 -20.91 9.29
C5 NAG C . -25.18 -20.53 9.28
C6 NAG C . -24.34 -21.79 9.58
C7 NAG C . -28.08 -19.71 5.28
C8 NAG C . -27.67 -21.20 5.11
N2 NAG C . -27.56 -19.10 6.28
O3 NAG C . -28.70 -20.49 8.19
O4 NAG C . -27.23 -20.77 10.59
O5 NAG C . -24.59 -19.99 8.01
O6 NAG C . -24.64 -22.29 10.90
O7 NAG C . -28.80 -19.14 4.49
P PO4 D . 0.76 22.33 5.30
O1 PO4 D . -0.55 22.92 5.76
O2 PO4 D . 1.42 23.28 4.32
O3 PO4 D . 1.76 22.07 6.44
O4 PO4 D . 0.45 21.10 4.49
ZN ZN E . 1.11 -14.50 -7.96
C1 MRD F . 17.54 -22.40 -6.60
C2 MRD F . 17.79 -23.34 -5.42
O2 MRD F . 19.21 -23.40 -5.19
CM MRD F . 17.15 -22.77 -4.17
C3 MRD F . 17.32 -24.76 -5.73
C4 MRD F . 15.81 -24.94 -5.79
O4 MRD F . 15.45 -26.23 -5.34
C5 MRD F . 15.31 -24.71 -7.22
C1 MPD G . -7.44 13.46 -10.35
C2 MPD G . -8.43 13.85 -11.44
O2 MPD G . -9.14 15.04 -10.99
CM MPD G . -7.62 14.15 -12.69
C3 MPD G . -9.44 12.70 -11.64
C4 MPD G . -10.31 12.64 -12.90
O4 MPD G . -11.61 12.18 -12.54
C5 MPD G . -10.47 13.94 -13.68
C1 MPD H . 0.04 -18.55 -17.21
C2 MPD H . -0.68 -19.81 -17.62
O2 MPD H . -2.08 -19.59 -17.32
CM MPD H . -0.54 -20.05 -19.13
C3 MPD H . -0.18 -21.04 -16.87
C4 MPD H . 1.18 -20.87 -16.20
O4 MPD H . 1.15 -21.48 -14.94
C5 MPD H . 2.31 -21.44 -17.06
#